data_2AR9
#
_entry.id   2AR9
#
_cell.length_a   144.698
_cell.length_b   78.055
_cell.length_c   125.963
_cell.angle_alpha   90.00
_cell.angle_beta   112.50
_cell.angle_gamma   90.00
#
_symmetry.space_group_name_H-M   'C 1 2 1'
#
loop_
_entity.id
_entity.type
_entity.pdbx_description
1 polymer Caspase-9
2 non-polymer D-MALATE
3 water water
#
_entity_poly.entity_id   1
_entity_poly.type   'polypeptide(L)'
_entity_poly.pdbx_seq_one_letter_code
;MGALESLRGNADLAYILSMEPCGHCLIINNVNFCRESGLRTRTGSNIDCEKLRRRFSSLHFMVEVKGDLTAKKMVLALLE
LARQDHGALDCCVVVILSHGCQASHLQFPGAVYGTDGCPVSVEKIVNIFNGTSCPSLGGKPKLFFIQASGGEQKDHGFEV
ASTSPEDESPGSNPEPDATPFQEGLRTFDQLDAISSLPTPSDIFVSYSTFPGFVSWRDPKSGSWYVETLDDIFEQWAHSE
DLQSLLLRVANAVSVKGIYKQMPCIVSMLRKKLFFKTS
;
_entity_poly.pdbx_strand_id   A,B,C,D
#
loop_
_chem_comp.id
_chem_comp.type
_chem_comp.name
_chem_comp.formula
MLT non-polymer D-MALATE 'C4 H6 O5'
#
# COMPACT_ATOMS: atom_id res chain seq x y z
N GLY A 2 12.96 -4.00 -19.22
CA GLY A 2 11.58 -4.36 -18.77
C GLY A 2 11.33 -3.99 -17.33
N ALA A 3 12.37 -4.08 -16.51
CA ALA A 3 12.28 -3.77 -15.09
C ALA A 3 11.89 -2.32 -14.84
N LEU A 4 12.58 -1.40 -15.52
CA LEU A 4 12.32 0.03 -15.40
C LEU A 4 10.87 0.39 -15.66
N GLU A 5 10.29 -0.23 -16.67
CA GLU A 5 8.90 0.04 -17.02
C GLU A 5 7.95 -0.67 -16.06
N SER A 6 8.43 -1.73 -15.42
CA SER A 6 7.59 -2.48 -14.49
C SER A 6 7.63 -1.89 -13.08
N LEU A 7 8.58 -0.98 -12.86
CA LEU A 7 8.72 -0.32 -11.58
C LEU A 7 7.94 0.98 -11.70
N ARG A 8 8.30 1.76 -12.72
CA ARG A 8 7.64 3.03 -12.98
C ARG A 8 6.12 2.85 -13.00
N GLY A 9 5.67 1.67 -13.38
CA GLY A 9 4.24 1.42 -13.42
C GLY A 9 3.67 0.82 -12.16
N ASN A 10 4.54 0.42 -11.24
CA ASN A 10 4.11 -0.18 -9.98
C ASN A 10 3.66 0.91 -9.05
N ALA A 11 2.35 0.92 -8.78
CA ALA A 11 1.73 1.91 -7.93
C ALA A 11 2.08 1.83 -6.47
N ASP A 12 2.65 0.72 -6.03
CA ASP A 12 3.02 0.58 -4.61
C ASP A 12 4.45 1.00 -4.39
N LEU A 13 5.17 1.24 -5.48
CA LEU A 13 6.57 1.65 -5.39
C LEU A 13 6.80 3.00 -6.05
N ALA A 14 5.78 3.50 -6.77
CA ALA A 14 5.88 4.77 -7.47
C ALA A 14 4.61 5.62 -7.47
N TYR A 15 4.75 6.94 -7.32
CA TYR A 15 3.59 7.84 -7.37
C TYR A 15 3.16 7.97 -8.82
N ILE A 16 2.05 7.35 -9.20
CA ILE A 16 1.56 7.43 -10.57
C ILE A 16 1.19 8.87 -11.02
N LEU A 17 1.99 9.47 -11.91
CA LEU A 17 1.68 10.82 -12.38
C LEU A 17 0.96 10.77 -13.72
N SER A 18 -0.30 10.34 -13.72
CA SER A 18 -1.01 10.23 -14.99
C SER A 18 -1.81 11.41 -15.53
N MET A 19 -2.37 12.26 -14.66
CA MET A 19 -3.14 13.40 -15.14
C MET A 19 -2.32 14.33 -16.02
N GLU A 20 -3.02 15.12 -16.83
CA GLU A 20 -2.40 16.08 -17.74
C GLU A 20 -3.20 17.39 -17.69
N PRO A 21 -2.66 18.46 -17.09
CA PRO A 21 -1.37 18.68 -16.43
C PRO A 21 -1.19 17.95 -15.11
N CYS A 22 0.07 17.90 -14.70
CA CYS A 22 0.48 17.22 -13.49
C CYS A 22 -0.01 17.94 -12.22
N GLY A 23 0.24 19.25 -12.16
CA GLY A 23 -0.19 20.05 -11.02
C GLY A 23 0.29 21.48 -11.14
N HIS A 24 0.20 22.24 -10.04
CA HIS A 24 0.66 23.60 -10.01
C HIS A 24 2.12 23.61 -9.57
N CYS A 25 2.87 24.57 -10.09
CA CYS A 25 4.26 24.79 -9.71
C CYS A 25 4.32 26.28 -9.44
N LEU A 26 4.73 26.67 -8.25
CA LEU A 26 4.77 28.09 -7.95
C LEU A 26 6.18 28.49 -7.69
N ILE A 27 6.71 29.38 -8.52
CA ILE A 27 8.09 29.80 -8.29
C ILE A 27 8.06 31.22 -7.72
N ILE A 28 8.66 31.38 -6.54
CA ILE A 28 8.74 32.66 -5.88
C ILE A 28 10.17 33.13 -6.04
N ASN A 29 10.32 34.23 -6.76
CA ASN A 29 11.62 34.79 -7.06
C ASN A 29 11.91 36.11 -6.36
N ASN A 30 12.83 36.12 -5.41
CA ASN A 30 13.17 37.35 -4.71
C ASN A 30 14.58 37.82 -5.10
N VAL A 31 14.65 39.04 -5.64
CA VAL A 31 15.92 39.60 -6.08
C VAL A 31 16.29 40.91 -5.43
N ASN A 32 15.32 41.79 -5.31
CA ASN A 32 15.57 43.11 -4.76
C ASN A 32 15.13 43.26 -3.32
N PHE A 33 16.10 43.42 -2.43
CA PHE A 33 15.78 43.55 -1.02
C PHE A 33 15.83 44.99 -0.54
N CYS A 34 14.88 45.35 0.30
CA CYS A 34 14.82 46.71 0.86
C CYS A 34 16.13 47.04 1.57
N ARG A 35 16.45 48.33 1.62
CA ARG A 35 17.68 48.82 2.23
C ARG A 35 17.97 48.35 3.66
N GLU A 36 16.98 48.46 4.54
CA GLU A 36 17.17 48.06 5.93
C GLU A 36 17.65 46.63 6.14
N SER A 37 17.19 45.69 5.31
CA SER A 37 17.57 44.29 5.43
C SER A 37 19.08 44.07 5.32
N GLY A 38 19.71 44.74 4.36
CA GLY A 38 21.14 44.59 4.19
C GLY A 38 21.51 43.48 3.23
N LEU A 39 20.50 42.86 2.61
CA LEU A 39 20.68 41.77 1.66
C LEU A 39 21.02 42.23 0.25
N ARG A 40 22.18 41.79 -0.26
CA ARG A 40 22.63 42.16 -1.59
C ARG A 40 21.72 41.68 -2.71
N THR A 41 21.49 42.55 -3.70
CA THR A 41 20.66 42.18 -4.85
C THR A 41 21.13 40.85 -5.42
N ARG A 42 20.16 40.03 -5.80
CA ARG A 42 20.45 38.70 -6.32
C ARG A 42 20.56 38.62 -7.85
N THR A 43 21.73 38.96 -8.34
CA THR A 43 22.03 38.94 -9.77
C THR A 43 21.88 37.53 -10.30
N GLY A 44 21.32 37.37 -11.49
CA GLY A 44 21.19 36.04 -12.05
C GLY A 44 20.01 35.20 -11.57
N SER A 45 19.43 35.54 -10.44
CA SER A 45 18.28 34.79 -9.94
C SER A 45 17.20 34.71 -11.02
N ASN A 46 17.17 35.71 -11.89
CA ASN A 46 16.19 35.73 -12.96
C ASN A 46 16.52 34.71 -14.06
N ILE A 47 17.79 34.52 -14.37
CA ILE A 47 18.11 33.53 -15.39
C ILE A 47 17.74 32.16 -14.82
N ASP A 48 17.94 31.98 -13.51
CA ASP A 48 17.59 30.72 -12.84
C ASP A 48 16.08 30.54 -12.91
N CYS A 49 15.37 31.51 -12.41
CA CYS A 49 13.93 31.45 -12.41
C CYS A 49 13.41 30.93 -13.76
N GLU A 50 13.74 31.63 -14.83
CA GLU A 50 13.28 31.21 -16.15
C GLU A 50 13.69 29.80 -16.56
N LYS A 51 14.88 29.35 -16.16
CA LYS A 51 15.29 27.98 -16.49
C LYS A 51 14.27 27.05 -15.82
N LEU A 52 14.02 27.28 -14.54
CA LEU A 52 13.08 26.44 -13.83
C LEU A 52 11.69 26.57 -14.40
N ARG A 53 11.22 27.78 -14.62
CA ARG A 53 9.87 27.92 -15.16
C ARG A 53 9.71 26.99 -16.34
N ARG A 54 10.70 27.10 -17.22
CA ARG A 54 10.75 26.32 -18.45
C ARG A 54 10.79 24.82 -18.18
N ARG A 55 11.74 24.40 -17.35
CA ARG A 55 11.89 22.99 -16.95
C ARG A 55 10.60 22.34 -16.39
N PHE A 56 9.99 22.94 -15.37
CA PHE A 56 8.78 22.35 -14.83
C PHE A 56 7.62 22.36 -15.83
N SER A 57 7.69 23.25 -16.82
CA SER A 57 6.65 23.29 -17.84
C SER A 57 6.87 22.05 -18.68
N SER A 58 8.15 21.82 -18.94
CA SER A 58 8.59 20.64 -19.67
C SER A 58 8.01 19.43 -18.92
N LEU A 59 8.23 19.39 -17.61
CA LEU A 59 7.71 18.29 -16.79
C LEU A 59 6.21 18.31 -16.58
N HIS A 60 5.49 19.05 -17.43
CA HIS A 60 4.03 19.14 -17.38
C HIS A 60 3.35 19.85 -16.18
N PHE A 61 4.01 20.83 -15.58
CA PHE A 61 3.37 21.59 -14.50
C PHE A 61 2.79 22.93 -15.00
N MET A 62 1.99 23.57 -14.16
CA MET A 62 1.42 24.86 -14.45
C MET A 62 2.31 25.78 -13.64
N VAL A 63 3.13 26.55 -14.30
CA VAL A 63 4.05 27.42 -13.60
C VAL A 63 3.63 28.90 -13.54
N GLU A 64 3.64 29.45 -12.34
CA GLU A 64 3.31 30.86 -12.16
C GLU A 64 4.48 31.37 -11.36
N VAL A 65 5.01 32.51 -11.76
CA VAL A 65 6.13 33.08 -11.05
C VAL A 65 5.67 34.26 -10.20
N LYS A 66 6.40 34.53 -9.12
CA LYS A 66 6.08 35.65 -8.27
C LYS A 66 7.41 36.29 -7.93
N GLY A 67 7.63 37.51 -8.40
CA GLY A 67 8.88 38.18 -8.14
C GLY A 67 8.77 39.13 -6.98
N ASP A 68 9.90 39.29 -6.27
CA ASP A 68 9.98 40.17 -5.12
C ASP A 68 8.71 40.24 -4.28
N LEU A 69 8.53 39.27 -3.37
CA LEU A 69 7.37 39.29 -2.49
C LEU A 69 7.80 39.45 -1.03
N THR A 70 6.99 40.13 -0.22
CA THR A 70 7.31 40.31 1.19
C THR A 70 6.89 39.08 1.98
N ALA A 71 7.52 38.89 3.13
CA ALA A 71 7.19 37.76 3.98
C ALA A 71 5.69 37.55 3.97
N LYS A 72 4.94 38.63 4.16
CA LYS A 72 3.49 38.57 4.20
C LYS A 72 2.85 38.21 2.86
N LYS A 73 3.46 38.64 1.75
CA LYS A 73 2.89 38.32 0.45
C LYS A 73 3.22 36.87 0.06
N MET A 74 4.41 36.41 0.45
CA MET A 74 4.82 35.04 0.18
C MET A 74 3.81 34.11 0.83
N VAL A 75 3.68 34.21 2.15
CA VAL A 75 2.74 33.36 2.86
C VAL A 75 1.35 33.51 2.27
N LEU A 76 1.08 34.64 1.64
CA LEU A 76 -0.26 34.83 1.08
C LEU A 76 -0.42 34.04 -0.22
N ALA A 77 0.65 33.95 -1.01
CA ALA A 77 0.64 33.19 -2.26
C ALA A 77 0.49 31.70 -1.94
N LEU A 78 1.26 31.27 -0.94
CA LEU A 78 1.24 29.89 -0.49
C LEU A 78 -0.15 29.52 0.02
N LEU A 79 -0.75 30.35 0.86
CA LEU A 79 -2.10 30.04 1.35
C LEU A 79 -3.04 30.01 0.16
N GLU A 80 -2.80 30.89 -0.80
CA GLU A 80 -3.65 30.91 -1.98
C GLU A 80 -3.52 29.60 -2.73
N LEU A 81 -2.28 29.14 -2.92
CA LEU A 81 -2.05 27.88 -3.63
C LEU A 81 -2.74 26.70 -2.94
N ALA A 82 -2.56 26.61 -1.63
CA ALA A 82 -3.15 25.53 -0.86
C ALA A 82 -4.67 25.65 -0.85
N ARG A 83 -5.14 26.86 -1.07
CA ARG A 83 -6.57 27.19 -1.08
C ARG A 83 -7.24 26.69 -2.36
N GLN A 84 -6.43 26.28 -3.33
CA GLN A 84 -6.90 25.80 -4.62
C GLN A 84 -7.51 24.41 -4.57
N ASP A 85 -8.10 24.00 -5.69
CA ASP A 85 -8.70 22.69 -5.81
C ASP A 85 -7.75 21.75 -6.57
N HIS A 86 -6.90 21.03 -5.84
CA HIS A 86 -5.96 20.14 -6.49
C HIS A 86 -6.59 18.80 -6.83
N GLY A 87 -7.90 18.72 -6.65
CA GLY A 87 -8.59 17.48 -6.93
C GLY A 87 -8.15 16.70 -8.15
N ALA A 88 -7.96 17.38 -9.28
CA ALA A 88 -7.58 16.69 -10.53
C ALA A 88 -6.09 16.72 -10.85
N LEU A 89 -5.29 16.88 -9.81
CA LEU A 89 -3.85 16.97 -9.98
C LEU A 89 -3.15 15.86 -9.18
N ASP A 90 -1.99 15.41 -9.67
CA ASP A 90 -1.24 14.35 -9.00
C ASP A 90 -0.06 14.86 -8.20
N CYS A 91 0.26 16.14 -8.34
CA CYS A 91 1.44 16.67 -7.66
C CYS A 91 1.37 18.19 -7.48
N CYS A 92 2.31 18.75 -6.73
CA CYS A 92 2.35 20.18 -6.52
C CYS A 92 3.78 20.58 -6.26
N VAL A 93 4.24 21.64 -6.92
CA VAL A 93 5.61 22.07 -6.72
C VAL A 93 5.69 23.50 -6.23
N VAL A 94 6.73 23.81 -5.49
CA VAL A 94 6.90 25.13 -4.97
C VAL A 94 8.41 25.37 -4.94
N VAL A 95 8.82 26.42 -5.64
CA VAL A 95 10.23 26.79 -5.70
C VAL A 95 10.39 28.13 -5.03
N ILE A 96 11.50 28.31 -4.33
CA ILE A 96 11.75 29.57 -3.67
C ILE A 96 13.19 29.94 -3.90
N LEU A 97 13.33 31.03 -4.65
CA LEU A 97 14.62 31.57 -5.01
C LEU A 97 14.77 32.86 -4.21
N SER A 98 15.42 32.79 -3.06
CA SER A 98 15.61 33.98 -2.24
C SER A 98 16.76 33.79 -1.29
N HIS A 99 16.99 34.79 -0.45
CA HIS A 99 18.03 34.68 0.55
C HIS A 99 17.40 33.88 1.68
N GLY A 100 18.22 33.22 2.48
CA GLY A 100 17.70 32.42 3.59
C GLY A 100 18.68 32.26 4.72
N CYS A 101 18.50 31.23 5.53
CA CYS A 101 19.40 31.00 6.66
C CYS A 101 18.85 29.81 7.42
N GLN A 102 19.58 29.41 8.45
CA GLN A 102 19.14 28.30 9.27
C GLN A 102 18.23 28.85 10.35
N ALA A 103 17.13 28.14 10.58
CA ALA A 103 16.17 28.55 11.58
C ALA A 103 15.89 27.40 12.52
N SER A 104 15.54 27.73 13.75
CA SER A 104 15.21 26.72 14.71
C SER A 104 13.97 26.04 14.15
N HIS A 105 13.93 24.72 14.19
CA HIS A 105 12.79 23.98 13.66
C HIS A 105 12.50 22.69 14.42
N LEU A 106 11.35 22.11 14.14
CA LEU A 106 10.94 20.87 14.75
C LEU A 106 11.01 19.78 13.70
N GLN A 107 10.50 20.07 12.50
CA GLN A 107 10.53 19.08 11.44
C GLN A 107 11.43 19.42 10.25
N PHE A 108 11.17 20.56 9.61
CA PHE A 108 11.94 21.00 8.44
C PHE A 108 12.80 22.23 8.73
N PRO A 109 14.11 22.10 8.54
CA PRO A 109 15.10 23.16 8.77
C PRO A 109 15.05 24.34 7.78
N GLY A 110 15.71 25.42 8.18
CA GLY A 110 15.84 26.61 7.36
C GLY A 110 14.69 27.59 7.21
N ALA A 111 15.07 28.83 6.90
CA ALA A 111 14.08 29.88 6.67
C ALA A 111 14.48 30.62 5.40
N VAL A 112 13.51 31.32 4.83
CA VAL A 112 13.75 32.09 3.62
C VAL A 112 13.26 33.51 3.82
N TYR A 113 14.07 34.45 3.34
CA TYR A 113 13.76 35.86 3.47
C TYR A 113 12.77 36.40 2.45
N GLY A 114 12.00 37.38 2.90
CA GLY A 114 11.06 38.04 2.04
C GLY A 114 11.81 39.27 1.61
N THR A 115 11.38 39.90 0.52
CA THR A 115 12.01 41.10 0.01
C THR A 115 12.13 42.14 1.12
N ASP A 116 11.24 42.04 2.10
CA ASP A 116 11.24 42.96 3.25
C ASP A 116 12.24 42.57 4.34
N GLY A 117 12.96 41.46 4.15
CA GLY A 117 13.93 41.07 5.15
C GLY A 117 13.33 40.28 6.28
N CYS A 118 12.01 40.12 6.27
CA CYS A 118 11.32 39.36 7.28
C CYS A 118 11.36 37.90 6.82
N PRO A 119 11.83 36.99 7.70
CA PRO A 119 11.93 35.56 7.39
C PRO A 119 10.64 34.74 7.46
N VAL A 120 10.65 33.62 6.75
CA VAL A 120 9.55 32.66 6.75
C VAL A 120 10.24 31.31 6.88
N SER A 121 9.76 30.50 7.82
CA SER A 121 10.35 29.20 8.06
C SER A 121 9.97 28.23 6.94
N VAL A 122 10.92 27.39 6.52
CA VAL A 122 10.59 26.43 5.48
C VAL A 122 9.41 25.68 6.08
N GLU A 123 9.59 25.26 7.34
CA GLU A 123 8.58 24.53 8.08
C GLU A 123 7.18 25.15 8.00
N LYS A 124 7.09 26.47 8.06
CA LYS A 124 5.78 27.09 7.97
C LYS A 124 5.27 26.93 6.54
N ILE A 125 6.19 27.01 5.58
CA ILE A 125 5.84 26.86 4.16
C ILE A 125 5.24 25.48 3.90
N VAL A 126 5.98 24.44 4.29
CA VAL A 126 5.53 23.07 4.10
C VAL A 126 4.13 22.82 4.68
N ASN A 127 3.95 23.14 5.95
CA ASN A 127 2.69 22.90 6.60
C ASN A 127 1.49 23.59 5.98
N ILE A 128 1.71 24.75 5.35
CA ILE A 128 0.61 25.46 4.70
C ILE A 128 -0.05 24.44 3.78
N PHE A 129 0.69 23.40 3.45
CA PHE A 129 0.18 22.38 2.55
C PHE A 129 -0.25 21.08 3.24
N ASN A 130 -0.70 21.20 4.48
CA ASN A 130 -1.15 20.05 5.23
C ASN A 130 -2.51 19.57 4.77
N GLY A 131 -2.82 18.32 5.12
CA GLY A 131 -4.07 17.72 4.73
C GLY A 131 -5.33 18.42 5.17
N THR A 132 -5.31 19.04 6.34
CA THR A 132 -6.51 19.72 6.81
C THR A 132 -6.77 20.94 5.97
N SER A 133 -5.78 21.82 5.89
CA SER A 133 -5.91 23.03 5.12
C SER A 133 -5.94 22.74 3.61
N CYS A 134 -5.36 21.61 3.19
CA CYS A 134 -5.39 21.28 1.75
C CYS A 134 -5.66 19.80 1.44
N PRO A 135 -6.91 19.37 1.57
CA PRO A 135 -7.25 17.98 1.29
C PRO A 135 -7.10 17.52 -0.19
N SER A 136 -6.98 18.47 -1.11
CA SER A 136 -6.83 18.16 -2.54
C SER A 136 -5.48 17.49 -2.83
N LEU A 137 -4.47 17.87 -2.04
CA LEU A 137 -3.13 17.32 -2.17
C LEU A 137 -2.91 16.20 -1.14
N GLY A 138 -4.01 15.74 -0.56
CA GLY A 138 -3.97 14.69 0.43
C GLY A 138 -3.50 13.40 -0.19
N GLY A 139 -2.39 12.89 0.32
CA GLY A 139 -1.83 11.65 -0.21
C GLY A 139 -0.88 11.84 -1.38
N LYS A 140 -0.94 13.00 -2.05
CA LYS A 140 -0.11 13.29 -3.21
C LYS A 140 1.26 13.93 -2.92
N PRO A 141 2.28 13.59 -3.73
CA PRO A 141 3.59 14.21 -3.46
C PRO A 141 3.59 15.74 -3.52
N LYS A 142 4.24 16.35 -2.53
CA LYS A 142 4.35 17.80 -2.46
C LYS A 142 5.84 18.13 -2.39
N LEU A 143 6.39 18.59 -3.53
CA LEU A 143 7.81 18.92 -3.62
C LEU A 143 8.13 20.37 -3.25
N PHE A 144 9.33 20.58 -2.72
CA PHE A 144 9.77 21.91 -2.33
C PHE A 144 11.23 22.10 -2.71
N PHE A 145 11.50 23.00 -3.65
CA PHE A 145 12.85 23.27 -4.09
C PHE A 145 13.32 24.61 -3.55
N ILE A 146 14.40 24.59 -2.77
CA ILE A 146 14.88 25.83 -2.19
C ILE A 146 16.33 26.20 -2.42
N GLN A 147 16.49 27.28 -3.17
CA GLN A 147 17.75 27.90 -3.55
C GLN A 147 17.92 29.07 -2.57
N ALA A 148 18.45 28.79 -1.39
CA ALA A 148 18.64 29.80 -0.34
C ALA A 148 20.04 29.82 0.23
N SER A 149 20.16 30.36 1.45
CA SER A 149 21.44 30.46 2.16
C SER A 149 21.24 30.01 3.62
N LEU A 197 -5.23 14.70 13.99
CA LEU A 197 -3.90 15.27 13.92
C LEU A 197 -3.34 15.25 12.49
N PRO A 198 -3.21 16.42 11.84
CA PRO A 198 -2.70 16.54 10.47
C PRO A 198 -1.20 16.25 10.36
N THR A 199 -0.88 14.96 10.29
CA THR A 199 0.51 14.51 10.20
C THR A 199 1.07 14.75 8.78
N PRO A 200 2.17 15.53 8.66
CA PRO A 200 2.83 15.85 7.39
C PRO A 200 3.16 14.60 6.58
N SER A 201 2.68 14.53 5.35
CA SER A 201 2.95 13.35 4.57
C SER A 201 3.24 13.65 3.09
N ASP A 202 4.12 12.85 2.51
CA ASP A 202 4.49 13.03 1.12
C ASP A 202 5.05 14.42 0.99
N ILE A 203 5.98 14.82 1.85
CA ILE A 203 6.57 16.14 1.73
C ILE A 203 8.02 15.91 1.35
N PHE A 204 8.47 16.59 0.30
CA PHE A 204 9.84 16.45 -0.17
C PHE A 204 10.43 17.84 -0.31
N VAL A 205 11.59 18.06 0.29
CA VAL A 205 12.28 19.35 0.24
C VAL A 205 13.76 19.21 -0.15
N SER A 206 14.16 19.87 -1.24
CA SER A 206 15.53 19.83 -1.69
C SER A 206 16.16 21.16 -1.34
N TYR A 207 17.39 21.17 -0.84
CA TYR A 207 18.05 22.42 -0.49
C TYR A 207 19.31 22.62 -1.32
N SER A 208 19.46 23.81 -1.90
CA SER A 208 20.63 24.13 -2.71
C SER A 208 21.90 23.79 -1.94
N THR A 209 21.76 23.67 -0.62
CA THR A 209 22.87 23.31 0.28
C THR A 209 22.37 23.31 1.71
N PHE A 210 22.99 22.51 2.59
CA PHE A 210 22.54 22.45 3.97
C PHE A 210 22.38 23.85 4.51
N PRO A 211 21.22 24.15 5.11
CA PRO A 211 20.95 25.48 5.67
C PRO A 211 22.06 25.99 6.55
N GLY A 212 22.35 27.29 6.44
CA GLY A 212 23.40 27.89 7.22
C GLY A 212 24.66 28.09 6.39
N PHE A 213 24.84 27.25 5.37
CA PHE A 213 26.01 27.35 4.52
C PHE A 213 25.84 28.11 3.21
N VAL A 214 26.92 28.17 2.44
CA VAL A 214 26.96 28.90 1.19
C VAL A 214 26.57 28.19 -0.10
N SER A 215 25.79 28.90 -0.93
CA SER A 215 25.36 28.41 -2.25
C SER A 215 26.12 29.25 -3.28
N TRP A 216 26.94 28.58 -4.09
CA TRP A 216 27.77 29.25 -5.08
C TRP A 216 27.14 29.50 -6.45
N ARG A 217 27.17 30.77 -6.85
CA ARG A 217 26.62 31.22 -8.13
C ARG A 217 27.70 31.50 -9.16
N ASP A 218 27.32 32.21 -10.22
CA ASP A 218 28.20 32.58 -11.33
C ASP A 218 27.35 33.32 -12.36
N PRO A 219 26.81 34.52 -12.01
CA PRO A 219 25.96 35.34 -12.90
C PRO A 219 26.38 35.35 -14.37
N LYS A 220 25.99 34.30 -15.09
CA LYS A 220 26.28 34.12 -16.52
C LYS A 220 26.03 32.64 -16.88
N SER A 221 26.46 31.74 -15.99
CA SER A 221 26.25 30.30 -16.17
C SER A 221 25.12 29.92 -15.22
N GLY A 222 24.83 30.83 -14.29
CA GLY A 222 23.78 30.61 -13.31
C GLY A 222 24.32 29.95 -12.06
N SER A 223 23.50 29.87 -11.02
CA SER A 223 23.95 29.23 -9.80
C SER A 223 24.07 27.74 -10.07
N TRP A 224 25.06 27.11 -9.44
CA TRP A 224 25.34 25.69 -9.62
C TRP A 224 24.13 24.77 -9.48
N TYR A 225 23.44 24.93 -8.36
CA TYR A 225 22.28 24.11 -8.05
C TYR A 225 21.19 24.23 -9.10
N VAL A 226 20.74 25.44 -9.40
CA VAL A 226 19.68 25.55 -10.37
C VAL A 226 20.16 25.07 -11.72
N GLU A 227 21.39 25.41 -12.09
CA GLU A 227 21.87 24.96 -13.38
C GLU A 227 22.01 23.43 -13.47
N THR A 228 22.59 22.83 -12.44
CA THR A 228 22.78 21.40 -12.41
C THR A 228 21.43 20.67 -12.34
N LEU A 229 20.50 21.23 -11.58
CA LEU A 229 19.18 20.63 -11.47
C LEU A 229 18.56 20.63 -12.87
N ASP A 230 18.63 21.76 -13.55
CA ASP A 230 18.05 21.82 -14.90
C ASP A 230 18.72 20.82 -15.84
N ASP A 231 20.05 20.81 -15.86
CA ASP A 231 20.77 19.88 -16.71
C ASP A 231 20.42 18.40 -16.48
N ILE A 232 20.64 17.90 -15.26
CA ILE A 232 20.33 16.50 -14.91
C ILE A 232 18.88 16.14 -15.24
N PHE A 233 17.93 17.01 -14.88
CA PHE A 233 16.50 16.78 -15.18
C PHE A 233 16.28 16.67 -16.67
N GLU A 234 17.04 17.46 -17.43
CA GLU A 234 16.96 17.43 -18.89
C GLU A 234 17.36 16.01 -19.30
N GLN A 235 18.59 15.65 -18.97
CA GLN A 235 19.14 14.34 -19.25
C GLN A 235 18.30 13.12 -18.88
N TRP A 236 17.97 13.00 -17.60
CA TRP A 236 17.29 11.79 -17.07
C TRP A 236 15.85 11.72 -16.59
N ALA A 237 15.21 12.85 -16.33
CA ALA A 237 13.84 12.81 -15.82
C ALA A 237 12.94 11.78 -16.49
N HIS A 238 13.27 11.35 -17.71
CA HIS A 238 12.42 10.37 -18.41
C HIS A 238 12.67 8.93 -17.98
N SER A 239 13.89 8.64 -17.55
CA SER A 239 14.23 7.30 -17.13
C SER A 239 14.61 7.18 -15.65
N GLU A 240 14.69 8.30 -14.95
CA GLU A 240 15.05 8.27 -13.53
C GLU A 240 14.09 9.04 -12.61
N ASP A 241 13.92 8.53 -11.39
CA ASP A 241 13.03 9.12 -10.40
C ASP A 241 13.64 10.34 -9.68
N LEU A 242 12.78 11.07 -8.99
CA LEU A 242 13.21 12.26 -8.27
C LEU A 242 14.40 12.11 -7.36
N GLN A 243 14.45 11.07 -6.54
CA GLN A 243 15.57 10.95 -5.63
C GLN A 243 16.89 10.57 -6.27
N SER A 244 16.82 9.90 -7.41
CA SER A 244 18.01 9.50 -8.13
C SER A 244 18.61 10.77 -8.76
N LEU A 245 17.73 11.55 -9.40
CA LEU A 245 18.10 12.82 -10.01
C LEU A 245 18.81 13.72 -9.01
N LEU A 246 18.19 13.91 -7.84
CA LEU A 246 18.80 14.78 -6.83
C LEU A 246 20.14 14.22 -6.33
N LEU A 247 20.35 12.93 -6.52
CA LEU A 247 21.62 12.33 -6.15
C LEU A 247 22.69 12.83 -7.13
N ARG A 248 22.38 12.76 -8.43
CA ARG A 248 23.29 13.24 -9.48
C ARG A 248 23.55 14.71 -9.23
N VAL A 249 22.49 15.47 -8.97
CA VAL A 249 22.65 16.89 -8.71
C VAL A 249 23.64 17.09 -7.56
N ALA A 250 23.29 16.60 -6.38
CA ALA A 250 24.15 16.68 -5.21
C ALA A 250 25.59 16.30 -5.53
N ASN A 251 25.79 15.11 -6.11
CA ASN A 251 27.13 14.69 -6.45
C ASN A 251 27.79 15.69 -7.40
N ALA A 252 27.14 16.00 -8.52
CA ALA A 252 27.71 16.96 -9.46
C ALA A 252 28.10 18.26 -8.76
N VAL A 253 27.13 18.95 -8.20
CA VAL A 253 27.39 20.22 -7.52
C VAL A 253 28.45 20.11 -6.45
N SER A 254 28.77 18.87 -6.05
CA SER A 254 29.74 18.66 -4.98
C SER A 254 31.19 18.67 -5.41
N VAL A 255 31.46 18.72 -6.71
CA VAL A 255 32.86 18.72 -7.15
C VAL A 255 33.35 20.07 -7.65
N LYS A 256 32.59 21.13 -7.40
CA LYS A 256 32.95 22.47 -7.84
C LYS A 256 33.58 23.38 -6.77
N GLY A 257 34.61 24.11 -7.18
CA GLY A 257 35.30 25.06 -6.31
C GLY A 257 35.84 24.59 -4.97
N ILE A 258 36.56 25.49 -4.29
CA ILE A 258 37.14 25.20 -2.99
C ILE A 258 36.03 24.76 -2.03
N TYR A 259 35.26 25.73 -1.55
CA TYR A 259 34.15 25.47 -0.64
C TYR A 259 33.16 24.52 -1.32
N LYS A 260 32.84 23.42 -0.65
CA LYS A 260 31.92 22.46 -1.25
C LYS A 260 30.48 22.78 -0.92
N GLN A 261 29.66 22.88 -1.97
CA GLN A 261 28.25 23.14 -1.81
C GLN A 261 27.69 21.73 -1.68
N MET A 262 26.68 21.56 -0.85
CA MET A 262 26.14 20.24 -0.63
C MET A 262 24.62 20.17 -0.59
N PRO A 263 24.00 19.90 -1.75
CA PRO A 263 22.53 19.82 -1.80
C PRO A 263 21.91 18.82 -0.82
N CYS A 264 20.84 19.25 -0.16
CA CYS A 264 20.11 18.46 0.83
C CYS A 264 18.80 17.90 0.34
N ILE A 265 18.23 17.07 1.21
CA ILE A 265 16.95 16.41 0.99
C ILE A 265 16.36 16.05 2.36
N VAL A 266 15.10 16.37 2.54
CA VAL A 266 14.40 16.07 3.76
C VAL A 266 13.12 15.52 3.17
N SER A 267 12.97 14.21 3.26
CA SER A 267 11.82 13.55 2.65
C SER A 267 10.95 12.72 3.58
N MET A 268 9.69 12.63 3.18
CA MET A 268 8.72 11.82 3.91
C MET A 268 7.84 11.25 2.82
N LEU A 269 8.49 10.89 1.72
CA LEU A 269 7.81 10.30 0.61
C LEU A 269 7.74 8.81 0.85
N ARG A 270 6.75 8.17 0.23
CA ARG A 270 6.52 6.75 0.40
C ARG A 270 6.91 5.98 -0.85
N LYS A 271 6.93 6.67 -1.98
CA LYS A 271 7.23 6.04 -3.26
C LYS A 271 8.19 6.89 -4.04
N LYS A 272 8.70 6.30 -5.12
CA LYS A 272 9.61 7.03 -6.00
C LYS A 272 8.73 7.92 -6.87
N LEU A 273 9.23 9.10 -7.20
CA LEU A 273 8.48 9.99 -8.06
C LEU A 273 9.14 10.07 -9.44
N PHE A 274 8.39 9.66 -10.46
CA PHE A 274 8.87 9.70 -11.85
C PHE A 274 8.09 10.79 -12.54
N PHE A 275 8.79 11.85 -12.92
CA PHE A 275 8.17 12.99 -13.62
C PHE A 275 7.66 12.64 -15.00
N LYS A 276 6.51 13.20 -15.35
CA LYS A 276 5.95 13.01 -16.68
C LYS A 276 6.81 13.83 -17.67
N THR A 277 6.98 13.35 -18.89
CA THR A 277 7.79 14.04 -19.88
C THR A 277 7.24 13.89 -21.28
N SER A 278 7.97 14.44 -22.25
CA SER A 278 7.60 14.38 -23.66
C SER A 278 8.77 14.79 -24.57
N GLY B 2 24.07 -5.60 -17.32
CA GLY B 2 22.78 -5.31 -16.63
C GLY B 2 22.69 -3.89 -16.10
N ALA B 3 21.52 -3.28 -16.24
CA ALA B 3 21.28 -1.91 -15.77
C ALA B 3 21.70 -1.78 -14.31
N LEU B 4 21.17 -2.65 -13.47
CA LEU B 4 21.50 -2.64 -12.05
C LEU B 4 23.00 -2.87 -11.88
N GLU B 5 23.52 -3.83 -12.64
CA GLU B 5 24.93 -4.19 -12.58
C GLU B 5 25.79 -2.95 -12.81
N SER B 6 25.42 -2.16 -13.81
CA SER B 6 26.13 -0.94 -14.15
C SER B 6 26.00 0.01 -12.97
N LEU B 7 24.75 0.23 -12.55
CA LEU B 7 24.46 1.12 -11.45
C LEU B 7 25.38 0.80 -10.27
N ARG B 8 25.37 -0.45 -9.82
CA ARG B 8 26.21 -0.90 -8.71
C ARG B 8 27.69 -0.57 -8.87
N GLY B 9 28.23 -0.78 -10.07
CA GLY B 9 29.63 -0.52 -10.31
C GLY B 9 30.03 0.86 -10.80
N ASN B 10 29.10 1.80 -10.79
CA ASN B 10 29.38 3.16 -11.23
C ASN B 10 29.85 3.99 -10.03
N ALA B 11 31.14 4.25 -9.95
CA ALA B 11 31.71 5.01 -8.85
C ALA B 11 31.15 6.43 -8.70
N ASP B 12 30.55 6.96 -9.78
CA ASP B 12 29.98 8.29 -9.75
C ASP B 12 28.53 8.25 -9.28
N LEU B 13 27.88 7.10 -9.47
CA LEU B 13 26.50 6.98 -9.08
C LEU B 13 26.27 6.14 -7.81
N ALA B 14 27.32 5.53 -7.28
CA ALA B 14 27.13 4.70 -6.09
C ALA B 14 28.36 4.57 -5.22
N TYR B 15 28.17 4.76 -3.91
CA TYR B 15 29.28 4.61 -2.96
C TYR B 15 29.69 3.15 -3.05
N ILE B 16 30.82 2.87 -3.69
CA ILE B 16 31.32 1.51 -3.84
C ILE B 16 31.88 1.03 -2.49
N LEU B 17 31.46 -0.16 -2.06
CA LEU B 17 31.93 -0.73 -0.79
C LEU B 17 32.88 -1.88 -1.07
N SER B 18 34.17 -1.57 -1.13
CA SER B 18 35.17 -2.59 -1.43
C SER B 18 35.65 -3.41 -0.23
N MET B 19 35.98 -2.73 0.87
CA MET B 19 36.48 -3.40 2.06
C MET B 19 35.57 -4.40 2.76
N GLU B 20 36.17 -5.17 3.66
CA GLU B 20 35.47 -6.20 4.41
C GLU B 20 36.19 -6.34 5.76
N PRO B 21 35.51 -6.03 6.86
CA PRO B 21 34.13 -5.57 6.92
C PRO B 21 33.86 -4.21 6.22
N CYS B 22 32.62 -3.75 6.31
CA CYS B 22 32.20 -2.50 5.70
C CYS B 22 32.49 -1.32 6.62
N GLY B 23 32.42 -1.57 7.92
CA GLY B 23 32.67 -0.52 8.89
C GLY B 23 32.16 -0.90 10.26
N HIS B 24 32.16 0.07 11.16
CA HIS B 24 31.68 -0.15 12.51
C HIS B 24 30.20 0.16 12.58
N CYS B 25 29.51 -0.44 13.54
CA CYS B 25 28.07 -0.21 13.75
C CYS B 25 27.77 -0.19 15.23
N LEU B 26 27.42 0.98 15.75
CA LEU B 26 27.10 1.09 17.15
C LEU B 26 25.60 1.16 17.36
N ILE B 27 25.06 0.25 18.17
CA ILE B 27 23.64 0.27 18.46
C ILE B 27 23.49 0.56 19.94
N ILE B 28 22.96 1.72 20.29
CA ILE B 28 22.74 2.03 21.69
C ILE B 28 21.32 1.55 21.96
N ASN B 29 21.10 0.90 23.09
CA ASN B 29 19.77 0.36 23.36
C ASN B 29 19.19 0.65 24.75
N ASN B 30 18.58 1.82 24.91
CA ASN B 30 17.99 2.19 26.19
C ASN B 30 16.68 1.46 26.43
N VAL B 31 16.68 0.58 27.44
CA VAL B 31 15.50 -0.21 27.79
C VAL B 31 14.88 0.13 29.15
N ASN B 32 15.74 0.36 30.13
CA ASN B 32 15.32 0.68 31.49
C ASN B 32 15.70 2.11 31.85
N PHE B 33 14.70 2.93 32.17
CA PHE B 33 14.94 4.32 32.51
C PHE B 33 14.67 4.58 33.99
N CYS B 34 15.44 5.49 34.58
CA CYS B 34 15.28 5.83 35.99
C CYS B 34 13.81 6.09 36.25
N ARG B 35 13.40 6.05 37.51
CA ARG B 35 12.00 6.26 37.82
C ARG B 35 11.58 7.73 37.72
N GLU B 36 12.45 8.64 38.13
CA GLU B 36 12.11 10.05 38.06
C GLU B 36 11.75 10.46 36.65
N SER B 37 12.38 9.82 35.67
CA SER B 37 12.14 10.12 34.26
C SER B 37 10.66 10.08 33.91
N GLY B 38 9.97 9.08 34.42
CA GLY B 38 8.56 8.93 34.13
C GLY B 38 8.40 8.06 32.89
N LEU B 39 9.47 8.02 32.09
CA LEU B 39 9.50 7.24 30.86
C LEU B 39 9.39 5.77 31.22
N ARG B 40 8.48 5.05 30.57
CA ARG B 40 8.30 3.63 30.86
C ARG B 40 9.40 2.71 30.32
N THR B 41 9.37 1.45 30.76
CA THR B 41 10.36 0.46 30.36
C THR B 41 10.15 0.01 28.93
N ARG B 42 10.99 0.50 28.02
CA ARG B 42 10.89 0.12 26.62
C ARG B 42 11.16 -1.37 26.47
N THR B 43 10.25 -2.19 26.97
CA THR B 43 10.37 -3.63 26.87
C THR B 43 10.27 -4.00 25.40
N GLY B 44 10.60 -5.25 25.07
CA GLY B 44 10.53 -5.66 23.68
C GLY B 44 11.66 -5.08 22.84
N SER B 45 12.25 -3.99 23.32
CA SER B 45 13.35 -3.37 22.63
C SER B 45 14.54 -4.32 22.51
N ASN B 46 14.64 -5.30 23.41
CA ASN B 46 15.74 -6.25 23.37
C ASN B 46 15.58 -7.13 22.14
N ILE B 47 14.34 -7.36 21.72
CA ILE B 47 14.09 -8.14 20.53
C ILE B 47 14.43 -7.27 19.32
N ASP B 48 14.05 -5.99 19.37
CA ASP B 48 14.35 -5.08 18.30
C ASP B 48 15.86 -5.03 18.12
N CYS B 49 16.56 -4.68 19.19
CA CYS B 49 18.01 -4.60 19.16
C CYS B 49 18.70 -5.84 18.61
N GLU B 50 18.22 -7.01 18.98
CA GLU B 50 18.84 -8.25 18.50
C GLU B 50 18.62 -8.41 16.99
N LYS B 51 17.43 -8.05 16.53
CA LYS B 51 17.13 -8.15 15.10
C LYS B 51 18.09 -7.27 14.32
N LEU B 52 18.21 -6.02 14.76
CA LEU B 52 19.06 -5.06 14.09
C LEU B 52 20.54 -5.42 14.10
N ARG B 53 21.03 -6.00 15.19
CA ARG B 53 22.45 -6.36 15.25
C ARG B 53 22.77 -7.54 14.35
N ARG B 54 21.78 -8.35 14.02
CA ARG B 54 22.04 -9.47 13.14
C ARG B 54 21.91 -8.95 11.71
N ARG B 55 21.06 -7.95 11.52
CA ARG B 55 20.86 -7.34 10.22
C ARG B 55 22.15 -6.65 9.78
N PHE B 56 22.59 -5.67 10.56
CA PHE B 56 23.81 -4.98 10.22
C PHE B 56 25.01 -5.91 10.27
N SER B 57 24.88 -7.00 11.00
CA SER B 57 25.99 -7.93 11.06
C SER B 57 26.03 -8.57 9.68
N SER B 58 24.88 -9.07 9.23
CA SER B 58 24.78 -9.70 7.91
C SER B 58 25.14 -8.71 6.80
N LEU B 59 25.08 -7.42 7.10
CA LEU B 59 25.43 -6.40 6.10
C LEU B 59 26.91 -6.11 6.17
N HIS B 60 27.67 -7.01 6.82
CA HIS B 60 29.11 -6.86 6.93
C HIS B 60 29.62 -5.74 7.82
N PHE B 61 29.11 -5.64 9.04
CA PHE B 61 29.59 -4.59 9.94
C PHE B 61 30.05 -5.18 11.27
N MET B 62 31.01 -4.51 11.88
CA MET B 62 31.53 -4.92 13.17
C MET B 62 30.60 -4.23 14.12
N VAL B 63 29.51 -4.91 14.48
CA VAL B 63 28.51 -4.34 15.36
C VAL B 63 28.85 -4.47 16.84
N GLU B 64 28.58 -3.40 17.58
CA GLU B 64 28.81 -3.36 19.01
C GLU B 64 27.51 -2.83 19.64
N VAL B 65 27.04 -3.51 20.69
CA VAL B 65 25.81 -3.11 21.33
C VAL B 65 26.03 -2.57 22.74
N LYS B 66 25.55 -1.36 22.98
CA LYS B 66 25.67 -0.73 24.29
C LYS B 66 24.28 -0.37 24.77
N GLY B 67 23.79 -1.09 25.78
CA GLY B 67 22.47 -0.83 26.30
C GLY B 67 22.42 -0.01 27.57
N ASP B 68 21.27 0.64 27.79
CA ASP B 68 21.03 1.47 28.97
C ASP B 68 22.16 2.43 29.32
N LEU B 69 22.33 3.46 28.50
CA LEU B 69 23.35 4.47 28.71
C LEU B 69 22.67 5.76 29.07
N THR B 70 23.37 6.62 29.80
CA THR B 70 22.83 7.92 30.20
C THR B 70 23.11 8.88 29.06
N ALA B 71 22.50 10.05 29.12
CA ALA B 71 22.71 11.04 28.08
C ALA B 71 24.21 11.30 27.92
N LYS B 72 24.94 11.30 29.03
CA LYS B 72 26.38 11.55 28.99
C LYS B 72 27.19 10.36 28.46
N LYS B 73 26.83 9.16 28.88
CA LYS B 73 27.53 7.96 28.43
C LYS B 73 27.24 7.69 26.97
N MET B 74 26.07 8.12 26.51
CA MET B 74 25.70 7.95 25.10
C MET B 74 26.66 8.86 24.33
N VAL B 75 26.70 10.14 24.71
CA VAL B 75 27.58 11.09 24.05
C VAL B 75 29.02 10.60 24.10
N LEU B 76 29.37 9.86 25.15
CA LEU B 76 30.72 9.30 25.29
C LEU B 76 30.89 8.12 24.34
N ALA B 77 29.89 7.24 24.35
CA ALA B 77 29.91 6.05 23.51
C ALA B 77 30.06 6.52 22.07
N LEU B 78 29.39 7.62 21.76
CA LEU B 78 29.44 8.19 20.41
C LEU B 78 30.83 8.79 20.18
N LEU B 79 31.20 9.75 21.02
CA LEU B 79 32.50 10.40 20.92
C LEU B 79 33.60 9.38 20.62
N GLU B 80 33.49 8.22 21.25
CA GLU B 80 34.46 7.16 21.04
C GLU B 80 34.46 6.72 19.59
N LEU B 81 33.32 6.23 19.12
CA LEU B 81 33.19 5.76 17.75
C LEU B 81 33.78 6.71 16.72
N ALA B 82 33.69 8.01 17.01
CA ALA B 82 34.21 9.02 16.08
C ALA B 82 35.72 9.21 16.21
N ARG B 83 36.29 8.67 17.29
CA ARG B 83 37.73 8.79 17.50
C ARG B 83 38.46 7.67 16.81
N GLN B 84 37.72 6.67 16.34
CA GLN B 84 38.31 5.54 15.64
C GLN B 84 38.86 5.98 14.30
N ASP B 85 39.57 5.07 13.63
CA ASP B 85 40.13 5.36 12.32
C ASP B 85 39.46 4.47 11.28
N HIS B 86 38.33 4.95 10.79
CA HIS B 86 37.54 4.25 9.78
C HIS B 86 38.24 4.30 8.43
N GLY B 87 39.45 4.86 8.43
CA GLY B 87 40.24 5.00 7.22
C GLY B 87 40.17 3.88 6.19
N ALA B 88 40.28 2.63 6.63
CA ALA B 88 40.22 1.50 5.71
C ALA B 88 38.79 1.06 5.49
N LEU B 89 37.87 1.61 6.29
CA LEU B 89 36.47 1.26 6.22
C LEU B 89 35.72 2.14 5.21
N ASP B 90 34.59 1.63 4.72
CA ASP B 90 33.80 2.34 3.73
C ASP B 90 32.57 3.09 4.24
N CYS B 91 32.10 2.73 5.42
CA CYS B 91 30.89 3.38 5.91
C CYS B 91 30.70 3.15 7.39
N CYS B 92 29.98 4.06 8.05
CA CYS B 92 29.74 3.95 9.49
C CYS B 92 28.23 3.96 9.78
N VAL B 93 27.82 3.17 10.77
CA VAL B 93 26.40 3.07 11.14
C VAL B 93 26.14 3.26 12.63
N VAL B 94 25.14 4.07 12.95
CA VAL B 94 24.76 4.31 14.33
C VAL B 94 23.25 4.06 14.41
N VAL B 95 22.84 3.17 15.30
CA VAL B 95 21.42 2.87 15.51
C VAL B 95 21.08 3.22 16.95
N ILE B 96 20.01 3.95 17.18
CA ILE B 96 19.61 4.30 18.53
C ILE B 96 18.16 3.91 18.83
N LEU B 97 18.00 2.99 19.79
CA LEU B 97 16.68 2.51 20.20
C LEU B 97 16.39 3.03 21.62
N SER B 98 15.30 3.78 21.76
CA SER B 98 14.91 4.32 23.07
C SER B 98 13.77 5.34 22.95
N HIS B 99 13.43 5.98 24.05
CA HIS B 99 12.39 6.99 24.02
C HIS B 99 13.02 8.21 23.39
N GLY B 100 12.18 9.05 22.78
CA GLY B 100 12.69 10.26 22.16
C GLY B 100 11.77 11.43 22.42
N CYS B 101 12.31 12.64 22.36
CA CYS B 101 11.47 13.81 22.59
C CYS B 101 11.70 14.81 21.47
N GLN B 102 10.65 15.49 21.06
CA GLN B 102 10.80 16.47 20.00
C GLN B 102 11.12 17.80 20.65
N ALA B 103 12.00 18.56 20.01
CA ALA B 103 12.41 19.86 20.49
C ALA B 103 12.91 20.72 19.35
N SER B 104 12.63 22.01 19.40
CA SER B 104 13.07 22.92 18.37
C SER B 104 14.59 22.91 18.41
N HIS B 105 15.22 23.01 17.26
CA HIS B 105 16.68 23.03 17.17
C HIS B 105 17.08 23.77 15.90
N LEU B 106 18.33 24.20 15.84
CA LEU B 106 18.82 24.94 14.69
C LEU B 106 19.24 24.10 13.49
N GLN B 107 20.13 23.13 13.72
CA GLN B 107 20.65 22.29 12.63
C GLN B 107 19.75 21.11 12.22
N PHE B 108 19.67 20.10 13.09
CA PHE B 108 18.83 18.94 12.80
C PHE B 108 17.64 18.82 13.76
N PRO B 109 16.56 18.18 13.31
CA PRO B 109 15.41 18.05 14.20
C PRO B 109 15.54 16.74 14.98
N GLY B 110 14.92 16.68 16.16
CA GLY B 110 14.95 15.46 16.94
C GLY B 110 15.87 15.36 18.15
N ALA B 111 15.56 14.42 19.02
CA ALA B 111 16.33 14.16 20.24
C ALA B 111 15.95 12.80 20.83
N VAL B 112 16.93 12.10 21.40
CA VAL B 112 16.67 10.80 22.01
C VAL B 112 16.96 10.88 23.49
N TYR B 113 16.19 10.14 24.27
CA TYR B 113 16.37 10.15 25.73
C TYR B 113 17.40 9.17 26.22
N GLY B 114 18.24 9.66 27.13
CA GLY B 114 19.25 8.80 27.72
C GLY B 114 18.56 7.99 28.81
N THR B 115 19.23 6.94 29.27
CA THR B 115 18.65 6.08 30.30
C THR B 115 18.33 6.92 31.54
N ASP B 116 19.06 8.03 31.70
CA ASP B 116 18.87 8.93 32.83
C ASP B 116 17.65 9.85 32.65
N GLY B 117 17.16 9.96 31.42
CA GLY B 117 16.00 10.82 31.17
C GLY B 117 16.35 12.18 30.60
N CYS B 118 17.63 12.42 30.39
CA CYS B 118 18.13 13.67 29.84
C CYS B 118 18.24 13.52 28.32
N PRO B 119 17.78 14.52 27.57
CA PRO B 119 17.83 14.50 26.11
C PRO B 119 19.19 14.71 25.48
N VAL B 120 19.38 14.09 24.33
CA VAL B 120 20.59 14.20 23.53
C VAL B 120 20.09 14.52 22.11
N SER B 121 20.24 15.78 21.69
CA SER B 121 19.78 16.21 20.37
C SER B 121 20.45 15.49 19.21
N VAL B 122 19.67 15.24 18.15
CA VAL B 122 20.19 14.55 16.96
C VAL B 122 21.27 15.41 16.36
N GLU B 123 21.10 16.72 16.51
CA GLU B 123 22.03 17.73 16.03
C GLU B 123 23.43 17.42 16.55
N LYS B 124 23.51 17.20 17.86
CA LYS B 124 24.78 16.87 18.51
C LYS B 124 25.33 15.52 18.05
N ILE B 125 24.45 14.56 17.87
CA ILE B 125 24.86 13.23 17.43
C ILE B 125 25.47 13.31 16.03
N VAL B 126 24.74 13.89 15.09
CA VAL B 126 25.23 14.02 13.72
C VAL B 126 26.55 14.78 13.69
N ASN B 127 26.59 15.90 14.41
CA ASN B 127 27.78 16.74 14.44
C ASN B 127 29.03 16.05 14.97
N ILE B 128 28.87 15.13 15.90
CA ILE B 128 30.00 14.40 16.47
C ILE B 128 30.83 13.68 15.41
N PHE B 129 30.22 13.37 14.28
CA PHE B 129 30.93 12.67 13.21
C PHE B 129 31.30 13.57 12.03
N ASN B 130 31.51 14.86 12.30
CA ASN B 130 31.86 15.81 11.25
C ASN B 130 33.27 15.63 10.74
N GLY B 131 33.51 16.13 9.53
CA GLY B 131 34.81 16.04 8.89
C GLY B 131 36.00 16.28 9.80
N THR B 132 35.96 17.36 10.58
CA THR B 132 37.04 17.69 11.49
C THR B 132 37.22 16.65 12.60
N SER B 133 36.31 16.67 13.56
CA SER B 133 36.35 15.74 14.68
C SER B 133 36.66 14.31 14.23
N CYS B 134 36.38 14.00 12.97
CA CYS B 134 36.64 12.67 12.42
C CYS B 134 36.83 12.68 10.91
N PRO B 135 38.04 13.03 10.47
CA PRO B 135 38.31 13.07 9.02
C PRO B 135 38.33 11.64 8.48
N SER B 136 38.60 10.68 9.36
CA SER B 136 38.66 9.29 8.98
C SER B 136 37.44 8.87 8.13
N LEU B 137 36.29 9.48 8.37
CA LEU B 137 35.07 9.16 7.62
C LEU B 137 34.72 10.24 6.61
N GLY B 138 35.70 11.05 6.24
CA GLY B 138 35.46 12.10 5.27
C GLY B 138 35.03 11.56 3.92
N GLY B 139 34.00 12.18 3.36
CA GLY B 139 33.48 11.77 2.06
C GLY B 139 32.80 10.44 2.06
N LYS B 140 32.85 9.75 3.19
CA LYS B 140 32.24 8.42 3.31
C LYS B 140 30.82 8.47 3.88
N PRO B 141 29.98 7.48 3.51
CA PRO B 141 28.61 7.44 4.01
C PRO B 141 28.51 7.14 5.49
N LYS B 142 27.84 8.05 6.20
CA LYS B 142 27.62 7.96 7.63
C LYS B 142 26.12 7.85 7.91
N LEU B 143 25.67 6.65 8.26
CA LEU B 143 24.26 6.35 8.54
C LEU B 143 23.77 6.40 10.01
N PHE B 144 22.62 7.02 10.22
CA PHE B 144 22.02 7.12 11.55
C PHE B 144 20.55 6.66 11.57
N PHE B 145 20.30 5.48 12.16
CA PHE B 145 18.93 4.97 12.25
C PHE B 145 18.41 5.13 13.67
N ILE B 146 17.43 6.01 13.86
CA ILE B 146 16.84 6.25 15.17
C ILE B 146 15.41 5.75 15.23
N GLN B 147 15.10 4.94 16.24
CA GLN B 147 13.75 4.41 16.45
C GLN B 147 13.36 4.88 17.84
N ALA B 148 12.76 6.05 17.92
CA ALA B 148 12.38 6.60 19.23
C ALA B 148 10.94 7.05 19.35
N SER B 149 10.06 6.12 19.73
CA SER B 149 8.67 6.47 19.90
C SER B 149 8.59 7.69 20.83
N GLY B 150 7.71 8.61 20.47
CA GLY B 150 7.55 9.85 21.21
C GLY B 150 7.96 10.97 20.27
N GLY B 151 7.01 11.47 19.47
CA GLY B 151 7.33 12.54 18.54
C GLY B 151 6.33 12.70 17.41
N LEU B 197 33.85 25.70 10.06
CA LEU B 197 32.76 25.62 9.09
C LEU B 197 32.69 24.20 8.50
N PRO B 198 32.56 23.18 9.36
CA PRO B 198 32.48 21.77 8.92
C PRO B 198 31.22 21.45 8.13
N THR B 199 31.22 21.78 6.85
CA THR B 199 30.08 21.53 5.98
C THR B 199 29.59 20.07 6.05
N PRO B 200 28.33 19.84 6.48
CA PRO B 200 27.69 18.52 6.62
C PRO B 200 27.74 17.76 5.30
N SER B 201 28.20 16.52 5.34
CA SER B 201 28.33 15.76 4.10
C SER B 201 28.26 14.25 4.26
N ASP B 202 27.59 13.61 3.31
CA ASP B 202 27.46 12.17 3.32
C ASP B 202 26.85 11.64 4.62
N ILE B 203 25.95 12.45 5.18
CA ILE B 203 25.23 12.11 6.41
C ILE B 203 23.85 11.61 5.99
N PHE B 204 23.32 10.64 6.70
CA PHE B 204 21.99 10.13 6.39
C PHE B 204 21.30 9.75 7.71
N VAL B 205 20.19 10.41 8.00
CA VAL B 205 19.46 10.17 9.23
C VAL B 205 18.03 9.73 8.98
N SER B 206 17.67 8.60 9.57
CA SER B 206 16.33 8.07 9.44
C SER B 206 15.77 8.12 10.84
N TYR B 207 14.79 9.00 11.06
CA TYR B 207 14.20 9.13 12.39
C TYR B 207 12.77 8.60 12.39
N SER B 208 12.58 7.44 13.00
CA SER B 208 11.27 6.79 13.09
C SER B 208 10.67 6.99 14.46
N THR B 209 9.35 7.10 14.53
CA THR B 209 8.69 7.25 15.82
C THR B 209 7.42 6.46 15.74
N PHE B 210 7.43 5.43 14.90
CA PHE B 210 6.26 4.61 14.70
C PHE B 210 6.02 3.66 15.85
N PRO B 211 4.99 3.93 16.65
CA PRO B 211 4.67 3.06 17.79
C PRO B 211 4.07 1.86 17.11
N GLY B 212 3.75 0.81 17.84
CA GLY B 212 3.16 -0.32 17.15
C GLY B 212 4.02 -1.55 17.21
N PHE B 213 3.45 -2.62 17.74
CA PHE B 213 4.21 -3.83 17.92
C PHE B 213 3.93 -4.89 16.88
N VAL B 214 4.83 -5.84 16.82
CA VAL B 214 4.77 -6.96 15.91
C VAL B 214 3.45 -7.69 16.13
N SER B 215 2.99 -7.68 17.37
CA SER B 215 1.73 -8.27 17.79
C SER B 215 1.06 -7.18 18.63
N TRP B 216 0.03 -6.54 18.08
CA TRP B 216 -0.62 -5.45 18.78
C TRP B 216 -1.11 -5.76 20.18
N ARG B 217 -1.47 -7.00 20.43
CA ARG B 217 -1.93 -7.40 21.76
C ARG B 217 -0.78 -7.47 22.79
N ASP B 218 0.46 -7.46 22.33
CA ASP B 218 1.59 -7.57 23.22
C ASP B 218 2.70 -6.53 23.06
N PRO B 219 2.73 -5.52 23.95
CA PRO B 219 3.73 -4.43 23.93
C PRO B 219 5.18 -4.92 24.06
N LYS B 220 5.37 -6.23 24.08
CA LYS B 220 6.70 -6.79 24.23
C LYS B 220 7.11 -7.67 23.07
N SER B 221 6.28 -7.71 22.04
CA SER B 221 6.55 -8.53 20.86
C SER B 221 7.60 -7.91 19.94
N GLY B 222 7.87 -6.63 20.11
CA GLY B 222 8.85 -5.95 19.28
C GLY B 222 8.24 -4.86 18.42
N SER B 223 9.08 -3.96 17.94
CA SER B 223 8.62 -2.86 17.08
C SER B 223 8.22 -3.30 15.70
N TRP B 224 7.01 -2.94 15.28
CA TRP B 224 6.52 -3.30 13.95
C TRP B 224 7.42 -2.64 12.89
N TYR B 225 7.91 -1.45 13.20
CA TYR B 225 8.79 -0.74 12.28
C TYR B 225 10.06 -1.57 12.06
N VAL B 226 10.76 -1.86 13.15
CA VAL B 226 11.99 -2.64 13.07
C VAL B 226 11.77 -3.95 12.31
N GLU B 227 10.76 -4.71 12.77
CA GLU B 227 10.39 -5.98 12.17
C GLU B 227 10.22 -5.76 10.68
N THR B 228 9.44 -4.73 10.34
CA THR B 228 9.17 -4.42 8.95
C THR B 228 10.41 -3.99 8.17
N LEU B 229 11.23 -3.13 8.74
CA LEU B 229 12.45 -2.71 8.05
C LEU B 229 13.38 -3.91 7.82
N ASP B 230 13.57 -4.70 8.87
CA ASP B 230 14.42 -5.88 8.80
C ASP B 230 13.95 -6.82 7.67
N ASP B 231 12.65 -7.08 7.61
CA ASP B 231 12.11 -7.94 6.57
C ASP B 231 12.38 -7.34 5.19
N ILE B 232 12.13 -6.04 5.06
CA ILE B 232 12.36 -5.37 3.78
C ILE B 232 13.82 -5.56 3.34
N PHE B 233 14.75 -5.45 4.30
CA PHE B 233 16.17 -5.62 3.98
C PHE B 233 16.46 -7.05 3.56
N GLU B 234 15.84 -8.01 4.24
CA GLU B 234 16.05 -9.40 3.92
C GLU B 234 15.61 -9.70 2.50
N GLN B 235 14.69 -8.90 1.98
CA GLN B 235 14.16 -9.16 0.64
C GLN B 235 14.70 -8.32 -0.51
N TRP B 236 15.24 -7.15 -0.22
CA TRP B 236 15.70 -6.32 -1.32
C TRP B 236 17.10 -5.75 -1.21
N ALA B 237 17.72 -5.88 -0.04
CA ALA B 237 19.06 -5.36 0.15
C ALA B 237 20.00 -5.83 -0.97
N HIS B 238 19.86 -7.10 -1.36
CA HIS B 238 20.71 -7.69 -2.38
C HIS B 238 20.54 -7.06 -3.77
N SER B 239 19.68 -6.06 -3.88
CA SER B 239 19.47 -5.47 -5.19
C SER B 239 18.82 -4.11 -5.19
N GLU B 240 18.71 -3.47 -4.04
CA GLU B 240 18.10 -2.15 -3.94
C GLU B 240 18.90 -1.31 -2.99
N ASP B 241 19.11 -0.05 -3.34
CA ASP B 241 19.91 0.82 -2.50
C ASP B 241 19.21 1.27 -1.20
N LEU B 242 19.98 1.84 -0.28
CA LEU B 242 19.45 2.29 0.99
C LEU B 242 18.17 3.10 0.83
N GLN B 243 18.23 4.16 0.02
CA GLN B 243 17.09 5.02 -0.20
C GLN B 243 15.86 4.31 -0.74
N SER B 244 16.08 3.31 -1.58
CA SER B 244 14.94 2.57 -2.11
C SER B 244 14.34 1.65 -1.04
N LEU B 245 15.22 1.00 -0.27
CA LEU B 245 14.77 0.11 0.79
C LEU B 245 13.89 0.88 1.77
N LEU B 246 14.38 2.03 2.23
CA LEU B 246 13.59 2.81 3.16
C LEU B 246 12.27 3.36 2.61
N LEU B 247 12.17 3.56 1.30
CA LEU B 247 10.91 4.03 0.73
C LEU B 247 9.90 2.89 0.84
N ARG B 248 10.37 1.67 0.57
CA ARG B 248 9.48 0.54 0.68
C ARG B 248 8.97 0.55 2.13
N VAL B 249 9.90 0.76 3.05
CA VAL B 249 9.55 0.78 4.47
C VAL B 249 8.54 1.87 4.79
N ALA B 250 8.80 3.07 4.26
CA ALA B 250 7.93 4.20 4.50
C ALA B 250 6.52 3.88 4.06
N ASN B 251 6.41 3.21 2.92
CA ASN B 251 5.10 2.91 2.41
C ASN B 251 4.40 1.89 3.27
N ALA B 252 5.14 0.89 3.73
CA ALA B 252 4.57 -0.15 4.57
C ALA B 252 4.02 0.48 5.86
N VAL B 253 4.73 1.46 6.39
CA VAL B 253 4.29 2.13 7.60
C VAL B 253 3.04 2.95 7.38
N SER B 254 3.04 3.78 6.34
CA SER B 254 1.86 4.59 6.06
C SER B 254 0.64 3.72 5.87
N VAL B 255 0.80 2.59 5.21
CA VAL B 255 -0.32 1.71 4.98
C VAL B 255 -0.77 1.04 6.29
N LYS B 256 0.20 0.80 7.18
CA LYS B 256 -0.10 0.14 8.45
C LYS B 256 -0.97 0.97 9.38
N GLY B 257 -0.56 2.22 9.60
CA GLY B 257 -1.34 3.10 10.45
C GLY B 257 -1.57 4.42 9.72
N ILE B 258 -2.66 5.12 10.05
CA ILE B 258 -2.92 6.40 9.38
C ILE B 258 -2.75 7.60 10.30
N TYR B 259 -3.35 7.54 11.49
CA TYR B 259 -3.23 8.65 12.43
C TYR B 259 -1.84 8.65 13.05
N LYS B 260 -0.87 8.19 12.26
CA LYS B 260 0.53 8.15 12.67
C LYS B 260 1.41 8.80 11.59
N GLN B 261 2.52 9.38 12.03
CA GLN B 261 3.45 10.03 11.13
C GLN B 261 4.04 9.05 10.12
N MET B 262 5.36 9.09 10.01
CA MET B 262 6.10 8.25 9.09
C MET B 262 7.56 8.68 9.22
N PRO B 263 8.50 7.73 9.12
CA PRO B 263 9.92 8.06 9.24
C PRO B 263 10.40 9.19 8.37
N CYS B 264 11.00 10.18 9.01
CA CYS B 264 11.51 11.32 8.29
C CYS B 264 12.97 11.07 7.96
N ILE B 265 13.31 11.23 6.69
CA ILE B 265 14.67 11.03 6.23
C ILE B 265 15.28 12.39 5.93
N VAL B 266 16.57 12.52 6.20
CA VAL B 266 17.33 13.73 5.95
C VAL B 266 18.61 13.22 5.32
N SER B 267 18.87 13.59 4.07
CA SER B 267 20.05 13.09 3.39
C SER B 267 21.00 14.13 2.84
N MET B 268 22.29 13.80 2.89
CA MET B 268 23.35 14.66 2.37
C MET B 268 24.23 13.68 1.61
N LEU B 269 23.66 12.57 1.18
CA LEU B 269 24.40 11.59 0.43
C LEU B 269 24.54 12.07 -1.01
N ARG B 270 25.64 11.69 -1.66
CA ARG B 270 25.89 12.10 -3.03
C ARG B 270 25.64 10.97 -4.03
N LYS B 271 25.57 9.75 -3.52
CA LYS B 271 25.38 8.59 -4.38
C LYS B 271 24.47 7.58 -3.72
N LYS B 272 24.14 6.54 -4.46
CA LYS B 272 23.29 5.47 -3.96
C LYS B 272 24.18 4.58 -3.12
N LEU B 273 23.58 3.81 -2.21
CA LEU B 273 24.36 2.93 -1.35
C LEU B 273 23.76 1.55 -1.40
N PHE B 274 24.47 0.62 -2.02
CA PHE B 274 24.03 -0.76 -2.10
C PHE B 274 24.85 -1.47 -1.02
N PHE B 275 24.17 -1.92 0.03
CA PHE B 275 24.85 -2.61 1.13
C PHE B 275 25.49 -3.91 0.67
N LYS B 276 26.51 -4.33 1.40
CA LYS B 276 27.21 -5.58 1.13
C LYS B 276 26.30 -6.65 1.71
N THR B 277 26.00 -7.67 0.93
CA THR B 277 25.13 -8.74 1.41
C THR B 277 25.65 -10.10 0.97
N SER B 278 26.11 -10.89 1.92
CA SER B 278 26.64 -12.21 1.58
C SER B 278 25.71 -13.33 2.06
N GLY C 2 -19.45 13.26 2.46
CA GLY C 2 -18.15 14.00 2.50
C GLY C 2 -16.99 13.05 2.72
N ALA C 3 -17.05 12.30 3.81
CA ALA C 3 -16.01 11.33 4.14
C ALA C 3 -15.94 10.29 3.04
N LEU C 4 -17.07 10.08 2.34
CA LEU C 4 -17.11 9.11 1.25
C LEU C 4 -16.23 9.61 0.12
N GLU C 5 -15.93 10.91 0.17
CA GLU C 5 -15.08 11.52 -0.84
C GLU C 5 -13.63 11.32 -0.48
N SER C 6 -13.32 11.28 0.81
CA SER C 6 -11.94 11.06 1.24
C SER C 6 -11.65 9.56 1.18
N LEU C 7 -12.67 8.81 0.76
CA LEU C 7 -12.57 7.35 0.61
C LEU C 7 -12.25 7.11 -0.86
N ARG C 8 -13.11 7.65 -1.74
CA ARG C 8 -12.93 7.54 -3.18
C ARG C 8 -11.58 8.15 -3.51
N GLY C 9 -11.10 9.00 -2.62
CA GLY C 9 -9.82 9.65 -2.85
C GLY C 9 -8.63 8.83 -2.40
N ASN C 10 -8.79 8.16 -1.26
CA ASN C 10 -7.71 7.33 -0.69
C ASN C 10 -7.26 6.26 -1.71
N ALA C 11 -6.07 6.43 -2.26
CA ALA C 11 -5.54 5.48 -3.24
C ALA C 11 -5.30 4.12 -2.60
N ASP C 12 -5.11 4.13 -1.29
CA ASP C 12 -4.88 2.92 -0.53
C ASP C 12 -6.14 2.14 -0.24
N LEU C 13 -7.29 2.80 -0.35
CA LEU C 13 -8.57 2.15 -0.10
C LEU C 13 -9.43 2.01 -1.35
N ALA C 14 -9.03 2.67 -2.44
CA ALA C 14 -9.79 2.60 -3.68
C ALA C 14 -8.95 2.65 -4.94
N TYR C 15 -9.35 1.89 -5.95
CA TYR C 15 -8.62 1.90 -7.23
C TYR C 15 -8.82 3.27 -7.89
N ILE C 16 -7.77 4.08 -7.94
CA ILE C 16 -7.86 5.39 -8.58
C ILE C 16 -8.15 5.27 -10.09
N LEU C 17 -9.32 5.76 -10.50
CA LEU C 17 -9.78 5.75 -11.91
C LEU C 17 -9.83 7.13 -12.42
N SER C 18 -8.78 7.44 -13.19
CA SER C 18 -8.70 8.77 -13.74
C SER C 18 -8.72 8.95 -15.23
N MET C 19 -7.88 8.23 -15.97
CA MET C 19 -7.82 8.36 -17.45
C MET C 19 -9.11 8.58 -18.34
N GLU C 20 -8.88 8.64 -19.65
CA GLU C 20 -9.98 8.85 -20.57
C GLU C 20 -9.65 8.30 -21.95
N PRO C 21 -10.39 7.26 -22.35
CA PRO C 21 -11.44 6.63 -21.56
C PRO C 21 -10.84 5.81 -20.43
N CYS C 22 -11.71 5.17 -19.66
CA CYS C 22 -11.30 4.33 -18.53
C CYS C 22 -10.57 3.04 -18.95
N GLY C 23 -11.08 2.40 -19.99
CA GLY C 23 -10.46 1.18 -20.47
C GLY C 23 -11.36 0.49 -21.47
N HIS C 24 -10.95 -0.68 -21.94
CA HIS C 24 -11.76 -1.42 -22.89
C HIS C 24 -12.83 -2.25 -22.21
N CYS C 25 -13.91 -2.50 -22.94
CA CYS C 25 -14.97 -3.35 -22.43
C CYS C 25 -15.45 -4.27 -23.56
N LEU C 26 -14.88 -5.47 -23.59
CA LEU C 26 -15.25 -6.47 -24.60
C LEU C 26 -16.52 -7.17 -24.15
N ILE C 27 -17.50 -7.24 -25.05
CA ILE C 27 -18.77 -7.89 -24.70
C ILE C 27 -19.17 -8.98 -25.70
N ILE C 28 -18.97 -10.23 -25.31
CA ILE C 28 -19.33 -11.34 -26.17
C ILE C 28 -20.79 -11.73 -25.99
N ASN C 29 -21.51 -11.80 -27.10
CA ASN C 29 -22.93 -12.13 -27.09
C ASN C 29 -23.31 -13.37 -27.91
N ASN C 30 -23.45 -14.50 -27.25
CA ASN C 30 -23.82 -15.74 -27.93
C ASN C 30 -25.32 -15.98 -27.88
N VAL C 31 -25.92 -16.18 -29.04
CA VAL C 31 -27.36 -16.40 -29.12
C VAL C 31 -27.76 -17.62 -29.92
N ASN C 32 -27.15 -17.79 -31.07
CA ASN C 32 -27.47 -18.90 -31.94
C ASN C 32 -26.39 -19.97 -31.86
N PHE C 33 -26.75 -21.18 -31.47
CA PHE C 33 -25.77 -22.26 -31.39
C PHE C 33 -26.11 -23.36 -32.40
N CYS C 34 -25.14 -24.21 -32.69
CA CYS C 34 -25.33 -25.30 -33.64
C CYS C 34 -26.21 -26.41 -33.10
N ARG C 35 -26.80 -27.17 -34.02
CA ARG C 35 -27.69 -28.29 -33.71
C ARG C 35 -27.00 -29.31 -32.83
N GLU C 36 -25.80 -29.72 -33.24
CA GLU C 36 -25.03 -30.70 -32.49
C GLU C 36 -25.19 -30.57 -30.97
N SER C 37 -24.89 -29.41 -30.42
CA SER C 37 -25.01 -29.18 -28.98
C SER C 37 -26.44 -29.03 -28.51
N GLY C 38 -27.32 -28.63 -29.42
CA GLY C 38 -28.72 -28.45 -29.08
C GLY C 38 -28.90 -27.56 -27.87
N LEU C 39 -28.70 -26.26 -28.06
CA LEU C 39 -28.86 -25.30 -26.98
C LEU C 39 -29.91 -24.28 -27.39
N ARG C 40 -31.01 -24.22 -26.62
CA ARG C 40 -32.08 -23.27 -26.91
C ARG C 40 -31.49 -21.93 -27.32
N THR C 41 -31.87 -21.43 -28.50
CA THR C 41 -31.35 -20.15 -28.95
C THR C 41 -31.59 -19.12 -27.88
N ARG C 42 -30.52 -18.45 -27.46
CA ARG C 42 -30.62 -17.43 -26.42
C ARG C 42 -31.52 -16.30 -26.90
N THR C 43 -32.76 -16.33 -26.43
CA THR C 43 -33.76 -15.35 -26.80
C THR C 43 -33.62 -14.05 -26.01
N GLY C 44 -33.62 -12.94 -26.74
CA GLY C 44 -33.49 -11.66 -26.09
C GLY C 44 -32.17 -11.52 -25.37
N SER C 45 -31.08 -11.68 -26.12
CA SER C 45 -29.75 -11.53 -25.56
C SER C 45 -29.18 -10.25 -26.13
N ASN C 46 -29.72 -9.83 -27.26
CA ASN C 46 -29.27 -8.61 -27.89
C ASN C 46 -29.86 -7.45 -27.08
N ILE C 47 -31.01 -7.70 -26.48
CA ILE C 47 -31.67 -6.69 -25.66
C ILE C 47 -30.80 -6.45 -24.42
N ASP C 48 -30.08 -7.48 -24.00
CA ASP C 48 -29.20 -7.40 -22.85
C ASP C 48 -27.92 -6.71 -23.29
N CYS C 49 -27.32 -7.25 -24.34
CA CYS C 49 -26.08 -6.71 -24.90
C CYS C 49 -26.21 -5.21 -25.13
N GLU C 50 -27.10 -4.79 -26.03
CA GLU C 50 -27.27 -3.37 -26.30
C GLU C 50 -28.03 -2.72 -25.14
N LYS C 51 -27.42 -2.83 -23.97
CA LYS C 51 -27.94 -2.29 -22.73
C LYS C 51 -26.71 -2.12 -21.86
N LEU C 52 -25.89 -3.18 -21.80
CA LEU C 52 -24.64 -3.14 -21.06
C LEU C 52 -23.72 -2.25 -21.89
N ARG C 53 -23.88 -2.34 -23.21
CA ARG C 53 -23.09 -1.53 -24.12
C ARG C 53 -23.15 -0.10 -23.61
N ARG C 54 -24.38 0.41 -23.56
CA ARG C 54 -24.63 1.75 -23.11
C ARG C 54 -24.12 1.93 -21.68
N ARG C 55 -24.67 1.14 -20.76
CA ARG C 55 -24.29 1.21 -19.35
C ARG C 55 -22.78 1.33 -19.11
N PHE C 56 -22.00 0.49 -19.79
CA PHE C 56 -20.55 0.50 -19.63
C PHE C 56 -19.86 1.63 -20.42
N SER C 57 -20.51 2.09 -21.47
CA SER C 57 -19.94 3.18 -22.26
C SER C 57 -20.13 4.43 -21.44
N SER C 58 -21.23 4.44 -20.69
CA SER C 58 -21.58 5.55 -19.82
C SER C 58 -20.61 5.65 -18.67
N LEU C 59 -19.98 4.53 -18.33
CA LEU C 59 -19.01 4.50 -17.24
C LEU C 59 -17.63 4.72 -17.83
N HIS C 60 -17.64 5.22 -19.06
CA HIS C 60 -16.44 5.54 -19.79
C HIS C 60 -15.63 4.34 -20.27
N PHE C 61 -16.27 3.39 -20.94
CA PHE C 61 -15.52 2.26 -21.45
C PHE C 61 -15.69 2.15 -22.95
N MET C 62 -14.59 2.04 -23.68
CA MET C 62 -14.68 1.88 -25.11
C MET C 62 -15.21 0.47 -25.33
N VAL C 63 -16.52 0.31 -25.38
CA VAL C 63 -17.16 -0.99 -25.57
C VAL C 63 -17.06 -1.53 -26.98
N GLU C 64 -16.80 -2.83 -27.10
CA GLU C 64 -16.72 -3.46 -28.42
C GLU C 64 -17.53 -4.74 -28.30
N VAL C 65 -18.50 -4.92 -29.19
CA VAL C 65 -19.31 -6.14 -29.13
C VAL C 65 -18.94 -7.16 -30.19
N LYS C 66 -19.08 -8.43 -29.82
CA LYS C 66 -18.78 -9.54 -30.70
C LYS C 66 -19.80 -10.64 -30.42
N GLY C 67 -20.66 -10.90 -31.38
CA GLY C 67 -21.68 -11.91 -31.20
C GLY C 67 -21.33 -13.30 -31.72
N ASP C 68 -22.17 -14.26 -31.38
CA ASP C 68 -22.03 -15.65 -31.79
C ASP C 68 -20.59 -16.08 -32.03
N LEU C 69 -19.81 -16.14 -30.95
CA LEU C 69 -18.42 -16.56 -31.06
C LEU C 69 -18.23 -18.00 -30.60
N THR C 70 -17.68 -18.83 -31.49
CA THR C 70 -17.45 -20.22 -31.14
C THR C 70 -16.38 -20.22 -30.06
N ALA C 71 -16.27 -21.33 -29.33
CA ALA C 71 -15.28 -21.42 -28.26
C ALA C 71 -13.94 -20.88 -28.74
N LYS C 72 -13.45 -21.44 -29.84
CA LYS C 72 -12.17 -21.03 -30.39
C LYS C 72 -12.08 -19.52 -30.58
N LYS C 73 -13.07 -18.96 -31.28
CA LYS C 73 -13.10 -17.52 -31.52
C LYS C 73 -13.11 -16.70 -30.23
N MET C 74 -14.08 -16.97 -29.37
CA MET C 74 -14.18 -16.28 -28.11
C MET C 74 -12.79 -16.07 -27.55
N VAL C 75 -11.99 -17.13 -27.55
CA VAL C 75 -10.62 -17.08 -27.04
C VAL C 75 -9.75 -16.10 -27.79
N LEU C 76 -9.79 -16.13 -29.11
CA LEU C 76 -8.97 -15.22 -29.90
C LEU C 76 -9.38 -13.79 -29.64
N ALA C 77 -10.68 -13.60 -29.37
CA ALA C 77 -11.20 -12.27 -29.07
C ALA C 77 -10.56 -11.83 -27.75
N LEU C 78 -10.69 -12.69 -26.74
CA LEU C 78 -10.13 -12.41 -25.44
C LEU C 78 -8.60 -12.31 -25.53
N LEU C 79 -7.98 -13.22 -26.25
CA LEU C 79 -6.52 -13.19 -26.37
C LEU C 79 -6.02 -11.88 -26.94
N GLU C 80 -6.69 -11.37 -27.95
CA GLU C 80 -6.31 -10.11 -28.58
C GLU C 80 -6.36 -8.99 -27.55
N LEU C 81 -7.51 -8.85 -26.91
CA LEU C 81 -7.72 -7.83 -25.91
C LEU C 81 -6.55 -7.71 -24.96
N ALA C 82 -6.06 -8.84 -24.49
CA ALA C 82 -4.94 -8.86 -23.55
C ALA C 82 -3.60 -8.56 -24.24
N ARG C 83 -3.61 -8.53 -25.57
CA ARG C 83 -2.40 -8.23 -26.33
C ARG C 83 -2.27 -6.72 -26.44
N GLN C 84 -3.39 -6.06 -26.73
CA GLN C 84 -3.43 -4.63 -26.85
C GLN C 84 -2.73 -3.93 -25.69
N ASP C 85 -2.32 -2.69 -25.92
CA ASP C 85 -1.66 -1.87 -24.91
C ASP C 85 -2.68 -1.07 -24.11
N HIS C 86 -2.79 -1.41 -22.82
CA HIS C 86 -3.72 -0.77 -21.90
C HIS C 86 -3.04 0.30 -21.02
N GLY C 87 -1.78 0.58 -21.32
CA GLY C 87 -1.04 1.56 -20.54
C GLY C 87 -1.78 2.80 -20.06
N ALA C 88 -2.56 3.40 -20.96
CA ALA C 88 -3.30 4.61 -20.63
C ALA C 88 -4.73 4.35 -20.15
N LEU C 89 -4.91 3.22 -19.49
CA LEU C 89 -6.22 2.84 -18.98
C LEU C 89 -6.06 2.40 -17.52
N ASP C 90 -7.15 2.31 -16.77
CA ASP C 90 -7.04 1.92 -15.37
C ASP C 90 -7.81 0.67 -15.02
N CYS C 91 -8.66 0.24 -15.93
CA CYS C 91 -9.47 -0.94 -15.66
C CYS C 91 -9.92 -1.61 -16.95
N CYS C 92 -10.24 -2.92 -16.89
CA CYS C 92 -10.69 -3.65 -18.07
C CYS C 92 -11.98 -4.42 -17.80
N VAL C 93 -12.87 -4.49 -18.78
CA VAL C 93 -14.14 -5.19 -18.57
C VAL C 93 -14.46 -6.24 -19.62
N VAL C 94 -14.79 -7.45 -19.18
CA VAL C 94 -15.17 -8.52 -20.08
C VAL C 94 -16.55 -9.03 -19.64
N VAL C 95 -17.49 -9.01 -20.56
CA VAL C 95 -18.84 -9.47 -20.29
C VAL C 95 -19.13 -10.62 -21.24
N ILE C 96 -19.54 -11.75 -20.70
CA ILE C 96 -19.86 -12.89 -21.52
C ILE C 96 -21.31 -13.25 -21.34
N LEU C 97 -22.09 -13.14 -22.41
CA LEU C 97 -23.50 -13.47 -22.40
C LEU C 97 -23.62 -14.75 -23.21
N SER C 98 -24.06 -15.83 -22.57
CA SER C 98 -24.18 -17.12 -23.25
C SER C 98 -24.74 -18.18 -22.32
N HIS C 99 -24.45 -19.43 -22.66
CA HIS C 99 -24.86 -20.55 -21.85
C HIS C 99 -23.58 -20.93 -21.13
N GLY C 100 -23.73 -21.45 -19.92
CA GLY C 100 -22.59 -21.85 -19.15
C GLY C 100 -22.92 -23.13 -18.44
N CYS C 101 -22.28 -23.35 -17.30
CA CYS C 101 -22.49 -24.56 -16.53
C CYS C 101 -21.35 -24.59 -15.53
N GLN C 102 -21.43 -25.49 -14.54
CA GLN C 102 -20.36 -25.58 -13.56
C GLN C 102 -19.16 -26.25 -14.21
N ALA C 103 -18.01 -26.15 -13.58
CA ALA C 103 -16.81 -26.74 -14.13
C ALA C 103 -15.76 -26.94 -13.06
N SER C 104 -15.06 -28.06 -13.16
CA SER C 104 -14.01 -28.38 -12.23
C SER C 104 -13.03 -27.22 -12.30
N HIS C 105 -12.59 -26.74 -11.14
CA HIS C 105 -11.67 -25.62 -11.11
C HIS C 105 -10.78 -25.60 -9.90
N LEU C 106 -9.77 -24.74 -9.94
CA LEU C 106 -8.84 -24.59 -8.83
C LEU C 106 -9.06 -23.25 -8.14
N GLN C 107 -9.48 -22.25 -8.91
CA GLN C 107 -9.71 -20.90 -8.38
C GLN C 107 -11.04 -20.25 -8.79
N PHE C 108 -11.35 -20.27 -10.08
CA PHE C 108 -12.58 -19.67 -10.58
C PHE C 108 -13.54 -20.69 -11.16
N PRO C 109 -14.68 -20.87 -10.49
CA PRO C 109 -15.70 -21.83 -10.93
C PRO C 109 -16.36 -21.44 -12.23
N GLY C 110 -17.03 -22.41 -12.85
CA GLY C 110 -17.77 -22.16 -14.07
C GLY C 110 -17.10 -22.21 -15.44
N ALA C 111 -17.92 -22.41 -16.46
CA ALA C 111 -17.48 -22.46 -17.84
C ALA C 111 -18.55 -21.90 -18.78
N VAL C 112 -18.15 -21.49 -19.98
CA VAL C 112 -19.10 -20.93 -20.94
C VAL C 112 -19.02 -21.65 -22.29
N TYR C 113 -20.14 -21.66 -23.02
CA TYR C 113 -20.20 -22.32 -24.32
C TYR C 113 -20.10 -21.40 -25.53
N GLY C 114 -19.27 -21.80 -26.49
CA GLY C 114 -19.16 -21.03 -27.69
C GLY C 114 -20.43 -21.36 -28.46
N THR C 115 -20.61 -20.78 -29.63
CA THR C 115 -21.79 -21.09 -30.39
C THR C 115 -21.62 -22.48 -30.98
N ASP C 116 -20.36 -22.91 -31.08
CA ASP C 116 -20.06 -24.23 -31.61
C ASP C 116 -20.44 -25.32 -30.60
N GLY C 117 -20.66 -24.92 -29.35
CA GLY C 117 -21.03 -25.88 -28.34
C GLY C 117 -19.87 -26.34 -27.48
N CYS C 118 -18.66 -25.89 -27.80
CA CYS C 118 -17.51 -26.28 -27.00
C CYS C 118 -17.42 -25.43 -25.73
N PRO C 119 -16.97 -26.03 -24.63
CA PRO C 119 -16.84 -25.36 -23.35
C PRO C 119 -15.52 -24.63 -23.09
N VAL C 120 -15.63 -23.42 -22.53
CA VAL C 120 -14.47 -22.59 -22.19
C VAL C 120 -14.63 -22.17 -20.73
N SER C 121 -13.72 -22.62 -19.88
CA SER C 121 -13.80 -22.31 -18.46
C SER C 121 -13.54 -20.85 -18.10
N VAL C 122 -14.14 -20.41 -17.02
CA VAL C 122 -13.97 -19.04 -16.58
C VAL C 122 -12.51 -18.84 -16.20
N GLU C 123 -11.95 -19.85 -15.54
CA GLU C 123 -10.56 -19.79 -15.11
C GLU C 123 -9.59 -19.51 -16.26
N LYS C 124 -9.93 -19.97 -17.46
CA LYS C 124 -9.05 -19.77 -18.60
C LYS C 124 -9.11 -18.31 -18.97
N ILE C 125 -10.32 -17.83 -19.25
CA ILE C 125 -10.57 -16.42 -19.63
C ILE C 125 -9.85 -15.45 -18.69
N VAL C 126 -10.08 -15.62 -17.39
CA VAL C 126 -9.47 -14.78 -16.36
C VAL C 126 -7.95 -14.74 -16.46
N ASN C 127 -7.34 -15.90 -16.74
CA ASN C 127 -5.88 -15.95 -16.82
C ASN C 127 -5.28 -15.41 -18.11
N ILE C 128 -6.08 -15.37 -19.16
CA ILE C 128 -5.61 -14.81 -20.40
C ILE C 128 -5.10 -13.41 -20.05
N PHE C 129 -5.77 -12.77 -19.10
CA PHE C 129 -5.41 -11.43 -18.66
C PHE C 129 -4.42 -11.38 -17.50
N ASN C 130 -3.55 -12.38 -17.42
CA ASN C 130 -2.55 -12.45 -16.37
C ASN C 130 -1.50 -11.34 -16.55
N GLY C 131 -0.80 -11.03 -15.46
CA GLY C 131 0.20 -9.98 -15.52
C GLY C 131 1.26 -10.20 -16.57
N THR C 132 1.63 -11.45 -16.79
CA THR C 132 2.65 -11.79 -17.77
C THR C 132 2.20 -11.53 -19.20
N SER C 133 1.06 -12.09 -19.57
CA SER C 133 0.54 -11.92 -20.92
C SER C 133 -0.12 -10.57 -21.17
N CYS C 134 -0.30 -9.76 -20.13
CA CYS C 134 -0.89 -8.44 -20.29
C CYS C 134 -0.40 -7.53 -19.19
N PRO C 135 0.92 -7.36 -19.10
CA PRO C 135 1.53 -6.50 -18.08
C PRO C 135 0.98 -5.09 -18.10
N SER C 136 0.23 -4.79 -19.16
CA SER C 136 -0.40 -3.50 -19.37
C SER C 136 -1.45 -3.24 -18.29
N LEU C 137 -2.27 -4.26 -18.01
CA LEU C 137 -3.31 -4.17 -16.98
C LEU C 137 -2.71 -4.67 -15.68
N GLY C 138 -1.38 -4.73 -15.64
CA GLY C 138 -0.69 -5.18 -14.45
C GLY C 138 -0.99 -4.25 -13.29
N GLY C 139 -1.63 -4.79 -12.25
CA GLY C 139 -1.95 -3.99 -11.10
C GLY C 139 -3.31 -3.32 -11.18
N LYS C 140 -3.90 -3.30 -12.38
CA LYS C 140 -5.18 -2.64 -12.59
C LYS C 140 -6.38 -3.58 -12.46
N PRO C 141 -7.49 -3.11 -11.87
CA PRO C 141 -8.65 -3.98 -11.72
C PRO C 141 -9.18 -4.48 -13.03
N LYS C 142 -9.30 -5.80 -13.15
CA LYS C 142 -9.82 -6.44 -14.34
C LYS C 142 -11.12 -7.14 -13.97
N LEU C 143 -12.23 -6.68 -14.55
CA LEU C 143 -13.56 -7.22 -14.23
C LEU C 143 -14.19 -8.13 -15.28
N PHE C 144 -15.08 -9.00 -14.80
CA PHE C 144 -15.79 -9.95 -15.65
C PHE C 144 -17.25 -10.12 -15.23
N PHE C 145 -18.14 -10.09 -16.22
CA PHE C 145 -19.56 -10.25 -15.94
C PHE C 145 -20.01 -11.41 -16.79
N ILE C 146 -20.44 -12.47 -16.10
CA ILE C 146 -20.88 -13.68 -16.77
C ILE C 146 -22.37 -13.98 -16.60
N GLN C 147 -23.04 -14.08 -17.74
CA GLN C 147 -24.46 -14.36 -17.80
C GLN C 147 -24.57 -15.73 -18.46
N ALA C 148 -24.54 -16.79 -17.66
CA ALA C 148 -24.59 -18.13 -18.23
C ALA C 148 -24.80 -19.27 -17.22
N SER C 149 -23.71 -19.92 -16.84
CA SER C 149 -23.72 -21.04 -15.89
C SER C 149 -25.08 -21.42 -15.26
N LEU C 197 5.98 -16.88 -11.16
CA LEU C 197 4.63 -17.44 -11.08
C LEU C 197 3.57 -16.34 -11.21
N PRO C 198 2.83 -16.33 -12.33
CA PRO C 198 1.79 -15.33 -12.59
C PRO C 198 0.55 -15.54 -11.70
N THR C 199 0.62 -15.02 -10.48
CA THR C 199 -0.48 -15.13 -9.52
C THR C 199 -1.63 -14.18 -9.86
N PRO C 200 -2.84 -14.73 -10.09
CA PRO C 200 -4.01 -13.91 -10.42
C PRO C 200 -4.23 -12.81 -9.38
N SER C 201 -4.30 -11.57 -9.84
CA SER C 201 -4.50 -10.46 -8.93
C SER C 201 -5.32 -9.38 -9.57
N ASP C 202 -6.09 -8.69 -8.74
CA ASP C 202 -6.94 -7.63 -9.20
C ASP C 202 -7.97 -8.18 -10.16
N ILE C 203 -8.38 -9.43 -9.92
CA ILE C 203 -9.41 -10.04 -10.73
C ILE C 203 -10.73 -10.01 -9.98
N PHE C 204 -11.81 -9.72 -10.70
CA PHE C 204 -13.13 -9.66 -10.12
C PHE C 204 -14.13 -10.25 -11.09
N VAL C 205 -14.85 -11.28 -10.64
CA VAL C 205 -15.85 -11.95 -11.46
C VAL C 205 -17.21 -11.94 -10.77
N SER C 206 -18.24 -11.63 -11.55
CA SER C 206 -19.60 -11.59 -11.05
C SER C 206 -20.41 -12.60 -11.85
N TYR C 207 -21.06 -13.50 -11.13
CA TYR C 207 -21.86 -14.53 -11.79
C TYR C 207 -23.35 -14.17 -11.67
N SER C 208 -24.07 -14.22 -12.79
CA SER C 208 -25.52 -13.92 -12.90
C SER C 208 -26.25 -14.77 -11.91
N THR C 209 -25.62 -15.91 -11.65
CA THR C 209 -26.04 -16.87 -10.66
C THR C 209 -24.90 -17.88 -10.53
N PHE C 210 -24.82 -18.48 -9.35
CA PHE C 210 -23.79 -19.41 -9.01
C PHE C 210 -23.69 -20.49 -10.07
N PRO C 211 -22.47 -21.00 -10.31
CA PRO C 211 -22.16 -22.02 -11.30
C PRO C 211 -23.20 -23.06 -11.72
N GLY C 212 -23.35 -24.10 -10.92
CA GLY C 212 -24.28 -25.16 -11.26
C GLY C 212 -25.72 -24.74 -11.37
N PHE C 213 -26.22 -24.09 -10.33
CA PHE C 213 -27.62 -23.66 -10.27
C PHE C 213 -28.04 -22.77 -11.41
N VAL C 214 -27.90 -23.29 -12.62
CA VAL C 214 -28.25 -22.61 -13.85
C VAL C 214 -29.30 -21.52 -13.62
N SER C 215 -29.00 -20.32 -14.11
CA SER C 215 -29.93 -19.21 -13.97
C SER C 215 -30.96 -19.27 -15.08
N TRP C 216 -32.13 -18.71 -14.78
CA TRP C 216 -33.23 -18.67 -15.74
C TRP C 216 -33.61 -17.20 -15.85
N ARG C 217 -34.69 -16.82 -15.18
CA ARG C 217 -35.16 -15.42 -15.16
C ARG C 217 -35.82 -14.98 -16.46
N ASP C 218 -36.60 -15.88 -17.04
CA ASP C 218 -37.34 -15.66 -18.28
C ASP C 218 -36.60 -14.88 -19.37
N PRO C 219 -36.32 -15.54 -20.52
CA PRO C 219 -35.62 -15.00 -21.69
C PRO C 219 -36.53 -14.44 -22.80
N LYS C 220 -36.97 -13.21 -22.63
CA LYS C 220 -37.84 -12.49 -23.56
C LYS C 220 -38.43 -11.30 -22.81
N SER C 221 -38.61 -11.48 -21.50
CA SER C 221 -39.15 -10.43 -20.63
C SER C 221 -38.00 -9.58 -20.10
N GLY C 222 -36.81 -9.80 -20.65
CA GLY C 222 -35.62 -9.07 -20.23
C GLY C 222 -34.90 -9.70 -19.05
N SER C 223 -33.77 -10.34 -19.34
CA SER C 223 -32.95 -11.00 -18.31
C SER C 223 -32.88 -10.23 -16.99
N TRP C 224 -33.22 -10.89 -15.88
CA TRP C 224 -33.19 -10.25 -14.55
C TRP C 224 -31.87 -9.60 -14.14
N TYR C 225 -30.85 -10.43 -13.92
CA TYR C 225 -29.53 -9.95 -13.54
C TYR C 225 -29.11 -8.79 -14.43
N VAL C 226 -29.07 -9.00 -15.73
CA VAL C 226 -28.69 -7.93 -16.64
C VAL C 226 -29.58 -6.73 -16.41
N GLU C 227 -30.87 -6.97 -16.16
CA GLU C 227 -31.80 -5.87 -15.93
C GLU C 227 -31.53 -5.16 -14.60
N THR C 228 -31.53 -5.91 -13.50
CA THR C 228 -31.29 -5.29 -12.21
C THR C 228 -29.90 -4.67 -12.14
N LEU C 229 -28.96 -5.20 -12.93
CA LEU C 229 -27.62 -4.66 -12.89
C LEU C 229 -27.58 -3.31 -13.57
N ASP C 230 -28.27 -3.20 -14.72
CA ASP C 230 -28.30 -1.94 -15.46
C ASP C 230 -28.92 -0.83 -14.62
N ASP C 231 -29.90 -1.21 -13.79
CA ASP C 231 -30.62 -0.28 -12.92
C ASP C 231 -29.84 0.13 -11.68
N ILE C 232 -29.25 -0.84 -10.98
CA ILE C 232 -28.52 -0.50 -9.77
C ILE C 232 -27.32 0.36 -10.09
N PHE C 233 -26.77 0.19 -11.29
CA PHE C 233 -25.64 1.02 -11.68
C PHE C 233 -26.19 2.38 -12.08
N GLU C 234 -27.43 2.38 -12.57
CA GLU C 234 -28.11 3.60 -13.00
C GLU C 234 -28.25 4.61 -11.87
N GLN C 235 -28.67 4.14 -10.70
CA GLN C 235 -28.88 5.06 -9.61
C GLN C 235 -27.96 4.98 -8.40
N TRP C 236 -26.78 4.39 -8.52
CA TRP C 236 -25.88 4.32 -7.39
C TRP C 236 -24.39 4.35 -7.73
N ALA C 237 -24.05 3.99 -8.97
CA ALA C 237 -22.66 3.95 -9.39
C ALA C 237 -21.87 5.20 -9.05
N HIS C 238 -22.55 6.34 -8.98
CA HIS C 238 -21.89 7.62 -8.69
C HIS C 238 -21.48 7.76 -7.23
N SER C 239 -22.21 7.11 -6.33
CA SER C 239 -21.89 7.23 -4.91
C SER C 239 -21.51 5.91 -4.22
N GLU C 240 -21.62 4.78 -4.92
CA GLU C 240 -21.27 3.49 -4.31
C GLU C 240 -20.25 2.71 -5.17
N ASP C 241 -19.41 1.92 -4.50
CA ASP C 241 -18.40 1.12 -5.18
C ASP C 241 -18.97 -0.13 -5.87
N LEU C 242 -18.14 -0.76 -6.69
CA LEU C 242 -18.52 -1.98 -7.43
C LEU C 242 -19.06 -3.06 -6.50
N GLN C 243 -18.35 -3.31 -5.42
CA GLN C 243 -18.74 -4.32 -4.45
C GLN C 243 -20.15 -3.98 -3.91
N SER C 244 -20.30 -2.78 -3.38
CA SER C 244 -21.58 -2.36 -2.82
C SER C 244 -22.74 -2.42 -3.83
N LEU C 245 -22.48 -2.03 -5.07
CA LEU C 245 -23.51 -2.07 -6.10
C LEU C 245 -23.98 -3.51 -6.30
N LEU C 246 -23.04 -4.42 -6.54
CA LEU C 246 -23.40 -5.81 -6.74
C LEU C 246 -24.17 -6.33 -5.54
N LEU C 247 -23.84 -5.84 -4.36
CA LEU C 247 -24.56 -6.27 -3.16
C LEU C 247 -26.05 -5.98 -3.37
N ARG C 248 -26.36 -4.76 -3.80
CA ARG C 248 -27.75 -4.37 -4.05
C ARG C 248 -28.37 -5.35 -5.03
N VAL C 249 -27.66 -5.61 -6.12
CA VAL C 249 -28.12 -6.54 -7.14
C VAL C 249 -28.43 -7.91 -6.54
N ALA C 250 -27.53 -8.42 -5.72
CA ALA C 250 -27.71 -9.71 -5.10
C ALA C 250 -29.06 -9.74 -4.43
N ASN C 251 -29.19 -8.97 -3.36
CA ASN C 251 -30.43 -8.91 -2.60
C ASN C 251 -31.63 -8.68 -3.49
N ALA C 252 -31.51 -7.71 -4.39
CA ALA C 252 -32.60 -7.38 -5.31
C ALA C 252 -33.08 -8.63 -6.06
N VAL C 253 -32.22 -9.16 -6.95
CA VAL C 253 -32.55 -10.34 -7.76
C VAL C 253 -33.14 -11.49 -6.96
N SER C 254 -32.49 -11.89 -5.88
CA SER C 254 -33.03 -12.98 -5.07
C SER C 254 -34.47 -12.62 -4.73
N VAL C 255 -34.62 -11.61 -3.88
CA VAL C 255 -35.91 -11.09 -3.43
C VAL C 255 -37.07 -11.45 -4.34
N LYS C 256 -36.98 -11.01 -5.59
CA LYS C 256 -38.03 -11.29 -6.55
C LYS C 256 -37.92 -12.66 -7.16
N GLY C 257 -37.82 -13.66 -6.28
CA GLY C 257 -37.70 -15.04 -6.69
C GLY C 257 -37.60 -15.93 -5.46
N ILE C 258 -38.70 -16.04 -4.70
CA ILE C 258 -38.74 -16.87 -3.48
C ILE C 258 -37.75 -18.03 -3.58
N TYR C 259 -38.08 -19.02 -4.42
CA TYR C 259 -37.19 -20.16 -4.64
C TYR C 259 -36.47 -19.97 -5.96
N LYS C 260 -35.57 -18.99 -5.97
CA LYS C 260 -34.75 -18.66 -7.13
C LYS C 260 -33.37 -18.32 -6.60
N GLN C 261 -32.38 -18.44 -7.48
CA GLN C 261 -30.99 -18.19 -7.10
C GLN C 261 -30.57 -16.72 -7.16
N MET C 262 -29.46 -16.46 -6.48
CA MET C 262 -28.89 -15.13 -6.37
C MET C 262 -27.50 -14.97 -7.00
N PRO C 263 -27.23 -13.81 -7.60
CA PRO C 263 -25.94 -13.52 -8.24
C PRO C 263 -24.85 -13.58 -7.20
N CYS C 264 -23.71 -14.15 -7.54
CA CYS C 264 -22.61 -14.26 -6.58
C CYS C 264 -21.33 -13.62 -7.13
N ILE C 265 -20.31 -13.57 -6.27
CA ILE C 265 -19.04 -12.94 -6.61
C ILE C 265 -17.77 -13.68 -6.15
N VAL C 266 -16.76 -13.65 -7.01
CA VAL C 266 -15.47 -14.27 -6.72
C VAL C 266 -14.48 -13.16 -7.03
N SER C 267 -13.93 -12.54 -5.99
CA SER C 267 -13.01 -11.43 -6.21
C SER C 267 -11.68 -11.54 -5.49
N MET C 268 -10.72 -10.77 -5.98
CA MET C 268 -9.39 -10.74 -5.42
C MET C 268 -8.89 -9.31 -5.47
N LEU C 269 -9.83 -8.38 -5.55
CA LEU C 269 -9.51 -6.96 -5.60
C LEU C 269 -8.84 -6.59 -4.28
N ARG C 270 -8.04 -5.53 -4.30
CA ARG C 270 -7.38 -5.11 -3.08
C ARG C 270 -8.05 -3.83 -2.59
N LYS C 271 -8.73 -3.15 -3.51
CA LYS C 271 -9.43 -1.91 -3.18
C LYS C 271 -10.87 -1.86 -3.68
N LYS C 272 -11.55 -0.78 -3.29
CA LYS C 272 -12.93 -0.54 -3.69
C LYS C 272 -12.78 0.06 -5.08
N LEU C 273 -13.78 -0.14 -5.92
CA LEU C 273 -13.68 0.40 -7.27
C LEU C 273 -14.81 1.37 -7.54
N PHE C 274 -14.45 2.63 -7.79
CA PHE C 274 -15.45 3.63 -8.09
C PHE C 274 -15.44 3.94 -9.58
N PHE C 275 -16.57 3.68 -10.22
CA PHE C 275 -16.72 3.90 -11.66
C PHE C 275 -16.70 5.37 -12.01
N LYS C 276 -16.41 5.65 -13.28
CA LYS C 276 -16.40 7.01 -13.78
C LYS C 276 -17.81 7.22 -14.31
N THR C 277 -18.64 7.89 -13.52
CA THR C 277 -20.03 8.11 -13.91
C THR C 277 -20.30 9.44 -14.59
N SER C 278 -21.34 9.44 -15.41
CA SER C 278 -21.77 10.63 -16.15
C SER C 278 -22.84 10.25 -17.18
N GLY D 2 -26.31 11.36 9.21
CA GLY D 2 -25.42 10.18 9.43
C GLY D 2 -25.51 9.14 8.32
N ALA D 3 -24.60 9.23 7.35
CA ALA D 3 -24.59 8.29 6.23
C ALA D 3 -24.35 6.87 6.71
N LEU D 4 -23.28 6.69 7.47
CA LEU D 4 -22.97 5.37 8.02
C LEU D 4 -24.11 4.90 8.90
N GLU D 5 -24.60 5.80 9.73
CA GLU D 5 -25.70 5.50 10.65
C GLU D 5 -26.89 4.92 9.88
N SER D 6 -27.23 5.55 8.77
CA SER D 6 -28.33 5.10 7.93
C SER D 6 -27.99 3.73 7.39
N LEU D 7 -26.80 3.63 6.78
CA LEU D 7 -26.32 2.39 6.21
C LEU D 7 -26.52 1.26 7.23
N ARG D 8 -25.95 1.42 8.42
CA ARG D 8 -26.07 0.41 9.48
C ARG D 8 -27.50 -0.02 9.78
N GLY D 9 -28.42 0.95 9.85
CA GLY D 9 -29.81 0.64 10.17
C GLY D 9 -30.75 0.34 9.01
N ASN D 10 -30.21 0.21 7.81
CA ASN D 10 -31.02 -0.08 6.64
C ASN D 10 -31.15 -1.60 6.46
N ALA D 11 -32.31 -2.13 6.83
CA ALA D 11 -32.54 -3.57 6.73
C ALA D 11 -32.40 -4.14 5.31
N ASP D 12 -32.50 -3.28 4.31
CA ASP D 12 -32.37 -3.71 2.92
C ASP D 12 -30.91 -3.68 2.47
N LEU D 13 -30.10 -2.86 3.13
CA LEU D 13 -28.71 -2.76 2.74
C LEU D 13 -27.75 -3.40 3.71
N ALA D 14 -28.24 -3.89 4.84
CA ALA D 14 -27.34 -4.51 5.81
C ALA D 14 -27.99 -5.56 6.69
N TYR D 15 -27.32 -6.69 6.84
CA TYR D 15 -27.80 -7.76 7.71
C TYR D 15 -27.78 -7.19 9.13
N ILE D 16 -28.95 -6.84 9.66
CA ILE D 16 -29.05 -6.27 10.99
C ILE D 16 -28.82 -7.37 12.03
N LEU D 17 -27.92 -7.12 12.99
CA LEU D 17 -27.63 -8.10 14.04
C LEU D 17 -28.23 -7.63 15.35
N SER D 18 -29.46 -8.07 15.63
CA SER D 18 -30.14 -7.67 16.85
C SER D 18 -29.81 -8.48 18.09
N MET D 19 -29.81 -9.80 17.96
CA MET D 19 -29.53 -10.68 19.11
C MET D 19 -28.18 -10.60 19.77
N GLU D 20 -28.09 -11.21 20.95
CA GLU D 20 -26.88 -11.22 21.74
C GLU D 20 -26.88 -12.51 22.55
N PRO D 21 -25.91 -13.40 22.31
CA PRO D 21 -24.83 -13.24 21.34
C PRO D 21 -25.28 -13.15 19.87
N CYS D 22 -24.31 -13.06 18.97
CA CYS D 22 -24.57 -12.96 17.55
C CYS D 22 -24.77 -14.33 16.92
N GLY D 23 -24.07 -15.33 17.48
CA GLY D 23 -24.18 -16.69 16.98
C GLY D 23 -23.05 -17.55 17.47
N HIS D 24 -22.93 -18.74 16.88
CA HIS D 24 -21.88 -19.66 17.25
C HIS D 24 -20.66 -19.43 16.35
N CYS D 25 -19.48 -19.80 16.87
CA CYS D 25 -18.24 -19.67 16.11
C CYS D 25 -17.35 -20.87 16.39
N LEU D 26 -17.17 -21.70 15.39
CA LEU D 26 -16.31 -22.86 15.56
C LEU D 26 -14.95 -22.64 14.91
N ILE D 27 -13.89 -22.78 15.69
CA ILE D 27 -12.56 -22.63 15.15
C ILE D 27 -11.87 -23.98 15.26
N ILE D 28 -11.60 -24.62 14.12
CA ILE D 28 -10.90 -25.90 14.16
C ILE D 28 -9.43 -25.51 14.06
N ASN D 29 -8.56 -26.13 14.84
CA ASN D 29 -7.16 -25.76 14.82
C ASN D 29 -6.15 -26.91 14.70
N ASN D 30 -5.90 -27.38 13.49
CA ASN D 30 -4.95 -28.46 13.29
C ASN D 30 -3.50 -27.98 13.44
N VAL D 31 -2.83 -28.47 14.46
CA VAL D 31 -1.44 -28.10 14.75
C VAL D 31 -0.41 -29.22 14.59
N ASN D 32 -0.80 -30.42 15.01
CA ASN D 32 0.06 -31.60 14.96
C ASN D 32 -0.52 -32.62 14.01
N PHE D 33 0.24 -32.97 12.97
CA PHE D 33 -0.22 -33.92 11.97
C PHE D 33 0.56 -35.22 12.06
N CYS D 34 -0.10 -36.34 11.78
CA CYS D 34 0.55 -37.65 11.82
C CYS D 34 1.85 -37.57 11.04
N ARG D 35 2.75 -38.51 11.26
CA ARG D 35 4.03 -38.46 10.56
C ARG D 35 3.92 -38.88 9.10
N GLU D 36 3.09 -39.88 8.81
CA GLU D 36 2.96 -40.32 7.43
C GLU D 36 2.54 -39.19 6.52
N SER D 37 1.75 -38.25 7.05
CA SER D 37 1.27 -37.11 6.29
C SER D 37 2.40 -36.37 5.59
N GLY D 38 3.50 -36.17 6.31
CA GLY D 38 4.63 -35.45 5.75
C GLY D 38 4.48 -33.99 6.08
N LEU D 39 3.24 -33.59 6.34
CA LEU D 39 2.90 -32.21 6.67
C LEU D 39 3.58 -31.85 7.99
N ARG D 40 4.27 -30.72 8.04
CA ARG D 40 4.96 -30.31 9.25
C ARG D 40 4.06 -29.76 10.36
N THR D 41 4.62 -29.61 11.55
CA THR D 41 3.88 -29.11 12.70
C THR D 41 3.57 -27.64 12.59
N ARG D 42 2.33 -27.31 12.26
CA ARG D 42 1.93 -25.92 12.15
C ARG D 42 2.04 -25.22 13.50
N THR D 43 3.28 -25.05 13.95
CA THR D 43 3.54 -24.37 15.22
C THR D 43 3.10 -22.93 15.07
N GLY D 44 3.05 -22.20 16.18
CA GLY D 44 2.62 -20.82 16.12
C GLY D 44 1.13 -20.68 15.87
N SER D 45 0.52 -21.73 15.33
CA SER D 45 -0.91 -21.71 15.06
C SER D 45 -1.71 -21.55 16.35
N ASN D 46 -1.11 -21.93 17.49
CA ASN D 46 -1.81 -21.80 18.76
C ASN D 46 -1.97 -20.32 19.09
N ILE D 47 -1.01 -19.51 18.65
CA ILE D 47 -1.08 -18.07 18.86
C ILE D 47 -2.14 -17.51 17.92
N ASP D 48 -2.15 -17.99 16.68
CA ASP D 48 -3.14 -17.56 15.72
C ASP D 48 -4.52 -17.84 16.27
N CYS D 49 -4.77 -19.11 16.58
CA CYS D 49 -6.05 -19.54 17.12
C CYS D 49 -6.52 -18.74 18.33
N GLU D 50 -5.61 -18.42 19.23
CA GLU D 50 -5.99 -17.66 20.41
C GLU D 50 -6.40 -16.25 20.02
N LYS D 51 -5.69 -15.64 19.08
CA LYS D 51 -6.01 -14.29 18.63
C LYS D 51 -7.41 -14.28 18.06
N LEU D 52 -7.68 -15.21 17.15
CA LEU D 52 -8.98 -15.28 16.51
C LEU D 52 -10.14 -15.57 17.45
N ARG D 53 -9.93 -16.40 18.47
CA ARG D 53 -11.02 -16.71 19.40
C ARG D 53 -11.34 -15.52 20.29
N ARG D 54 -10.40 -14.61 20.48
CA ARG D 54 -10.68 -13.44 21.29
C ARG D 54 -11.35 -12.40 20.39
N ARG D 55 -10.98 -12.44 19.11
CA ARG D 55 -11.55 -11.52 18.12
C ARG D 55 -13.02 -11.81 17.97
N PHE D 56 -13.34 -13.03 17.55
CA PHE D 56 -14.74 -13.37 17.36
C PHE D 56 -15.48 -13.36 18.70
N SER D 57 -14.75 -13.49 19.79
CA SER D 57 -15.41 -13.45 21.07
C SER D 57 -15.85 -12.00 21.24
N SER D 58 -14.92 -11.08 21.05
CA SER D 58 -15.21 -9.66 21.17
C SER D 58 -16.27 -9.22 20.16
N LEU D 59 -16.47 -10.01 19.11
CA LEU D 59 -17.47 -9.71 18.10
C LEU D 59 -18.81 -10.32 18.51
N HIS D 60 -18.91 -10.71 19.78
CA HIS D 60 -20.15 -11.27 20.32
C HIS D 60 -20.53 -12.66 19.83
N PHE D 61 -19.60 -13.61 19.87
CA PHE D 61 -19.92 -14.95 19.43
C PHE D 61 -19.58 -15.97 20.50
N MET D 62 -20.34 -17.05 20.51
CA MET D 62 -20.11 -18.13 21.46
C MET D 62 -19.09 -18.99 20.73
N VAL D 63 -17.82 -18.69 20.97
CA VAL D 63 -16.74 -19.41 20.31
C VAL D 63 -16.36 -20.72 20.97
N GLU D 64 -16.13 -21.73 20.15
CA GLU D 64 -15.71 -23.03 20.63
C GLU D 64 -14.48 -23.43 19.81
N VAL D 65 -13.44 -23.90 20.48
CA VAL D 65 -12.22 -24.28 19.80
C VAL D 65 -11.95 -25.78 19.83
N LYS D 66 -11.79 -26.37 18.67
CA LYS D 66 -11.52 -27.79 18.56
C LYS D 66 -10.21 -27.96 17.78
N GLY D 67 -9.16 -28.37 18.48
CA GLY D 67 -7.86 -28.54 17.84
C GLY D 67 -7.52 -29.97 17.47
N ASP D 68 -6.62 -30.12 16.49
CA ASP D 68 -6.15 -31.42 16.02
C ASP D 68 -7.25 -32.46 15.78
N LEU D 69 -8.03 -32.23 14.73
CA LEU D 69 -9.11 -33.14 14.37
C LEU D 69 -8.74 -33.81 13.06
N THR D 70 -9.27 -35.01 12.83
CA THR D 70 -9.00 -35.74 11.60
C THR D 70 -10.00 -35.26 10.57
N ALA D 71 -9.79 -35.64 9.32
CA ALA D 71 -10.69 -35.24 8.26
C ALA D 71 -12.12 -35.63 8.65
N LYS D 72 -12.28 -36.78 9.27
CA LYS D 72 -13.60 -37.28 9.67
C LYS D 72 -14.19 -36.54 10.87
N LYS D 73 -13.35 -36.30 11.88
CA LYS D 73 -13.80 -35.61 13.07
C LYS D 73 -14.11 -34.15 12.75
N MET D 74 -13.41 -33.59 11.75
CA MET D 74 -13.67 -32.22 11.35
C MET D 74 -15.08 -32.22 10.76
N VAL D 75 -15.30 -33.10 9.79
CA VAL D 75 -16.62 -33.20 9.16
C VAL D 75 -17.69 -33.44 10.21
N LEU D 76 -17.32 -34.13 11.29
CA LEU D 76 -18.28 -34.39 12.37
C LEU D 76 -18.48 -33.12 13.19
N ALA D 77 -17.37 -32.47 13.54
CA ALA D 77 -17.41 -31.23 14.31
C ALA D 77 -18.28 -30.24 13.57
N LEU D 78 -18.15 -30.25 12.24
CA LEU D 78 -18.93 -29.37 11.40
C LEU D 78 -20.39 -29.81 11.41
N LEU D 79 -20.64 -31.06 10.98
CA LEU D 79 -21.99 -31.62 10.96
C LEU D 79 -22.76 -31.24 12.21
N GLU D 80 -22.07 -31.26 13.34
CA GLU D 80 -22.68 -30.90 14.61
C GLU D 80 -23.18 -29.48 14.57
N LEU D 81 -22.26 -28.53 14.38
CA LEU D 81 -22.61 -27.11 14.33
C LEU D 81 -23.82 -26.81 13.46
N ALA D 82 -23.99 -27.58 12.40
CA ALA D 82 -25.12 -27.37 11.49
C ALA D 82 -26.42 -27.99 12.01
N ARG D 83 -26.30 -28.86 13.02
CA ARG D 83 -27.47 -29.50 13.59
C ARG D 83 -28.08 -28.63 14.67
N GLN D 84 -27.36 -27.59 15.07
CA GLN D 84 -27.84 -26.68 16.09
C GLN D 84 -29.01 -25.86 15.58
N ASP D 85 -29.65 -25.11 16.48
CA ASP D 85 -30.77 -24.27 16.10
C ASP D 85 -30.39 -22.81 16.28
N HIS D 86 -29.76 -22.27 15.24
CA HIS D 86 -29.32 -20.89 15.21
C HIS D 86 -30.51 -19.95 15.07
N GLY D 87 -31.72 -20.53 15.12
CA GLY D 87 -32.96 -19.78 14.99
C GLY D 87 -33.02 -18.39 15.62
N ALA D 88 -32.57 -18.27 16.85
CA ALA D 88 -32.60 -16.97 17.53
C ALA D 88 -31.33 -16.19 17.25
N LEU D 89 -30.36 -16.86 16.62
CA LEU D 89 -29.08 -16.24 16.31
C LEU D 89 -29.13 -15.55 14.95
N ASP D 90 -28.23 -14.58 14.74
CA ASP D 90 -28.18 -13.81 13.50
C ASP D 90 -27.12 -14.20 12.49
N CYS D 91 -26.11 -14.94 12.92
CA CYS D 91 -25.04 -15.29 11.99
C CYS D 91 -24.17 -16.41 12.54
N CYS D 92 -23.54 -17.15 11.65
CA CYS D 92 -22.67 -18.27 12.03
C CYS D 92 -21.26 -18.09 11.46
N VAL D 93 -20.26 -18.47 12.25
CA VAL D 93 -18.86 -18.35 11.83
C VAL D 93 -18.04 -19.63 11.99
N VAL D 94 -17.30 -19.98 10.95
CA VAL D 94 -16.42 -21.14 10.96
C VAL D 94 -15.02 -20.69 10.57
N VAL D 95 -14.03 -20.95 11.41
CA VAL D 95 -12.64 -20.59 11.12
C VAL D 95 -11.83 -21.86 11.11
N ILE D 96 -11.02 -22.07 10.08
CA ILE D 96 -10.21 -23.27 10.00
C ILE D 96 -8.73 -22.95 9.80
N LEU D 97 -7.92 -23.34 10.78
CA LEU D 97 -6.48 -23.10 10.76
C LEU D 97 -5.75 -24.45 10.59
N SER D 98 -4.97 -24.59 9.52
CA SER D 98 -4.23 -25.82 9.25
C SER D 98 -3.61 -25.83 7.86
N HIS D 99 -3.02 -26.94 7.49
CA HIS D 99 -2.43 -27.05 6.16
C HIS D 99 -3.59 -27.21 5.20
N GLY D 100 -3.39 -26.83 3.94
CA GLY D 100 -4.43 -26.97 2.96
C GLY D 100 -3.87 -27.43 1.64
N CYS D 101 -4.69 -28.04 0.80
CA CYS D 101 -4.20 -28.49 -0.50
C CYS D 101 -5.17 -28.03 -1.56
N GLN D 102 -4.64 -27.68 -2.72
CA GLN D 102 -5.49 -27.23 -3.79
C GLN D 102 -5.87 -28.44 -4.62
N ALA D 103 -7.11 -28.47 -5.07
CA ALA D 103 -7.62 -29.56 -5.88
C ALA D 103 -8.79 -29.08 -6.73
N SER D 104 -8.89 -29.60 -7.94
CA SER D 104 -9.96 -29.23 -8.82
C SER D 104 -11.25 -29.70 -8.15
N HIS D 105 -12.32 -28.94 -8.29
CA HIS D 105 -13.61 -29.28 -7.71
C HIS D 105 -14.71 -28.63 -8.53
N LEU D 106 -15.93 -29.13 -8.39
CA LEU D 106 -17.05 -28.59 -9.15
C LEU D 106 -17.69 -27.32 -8.59
N GLN D 107 -18.08 -27.36 -7.32
CA GLN D 107 -18.75 -26.22 -6.69
C GLN D 107 -17.83 -25.11 -6.18
N PHE D 108 -17.08 -25.39 -5.12
CA PHE D 108 -16.16 -24.41 -4.54
C PHE D 108 -14.71 -24.84 -4.67
N PRO D 109 -13.78 -23.87 -4.72
CA PRO D 109 -12.38 -24.25 -4.84
C PRO D 109 -11.78 -24.39 -3.44
N GLY D 110 -10.73 -25.18 -3.31
CA GLY D 110 -10.08 -25.35 -2.02
C GLY D 110 -10.33 -26.61 -1.20
N ALA D 111 -9.42 -26.86 -0.26
CA ALA D 111 -9.49 -28.01 0.63
C ALA D 111 -8.51 -27.83 1.79
N VAL D 112 -8.91 -28.31 2.97
CA VAL D 112 -8.04 -28.19 4.15
C VAL D 112 -7.68 -29.59 4.62
N TYR D 113 -6.49 -29.73 5.16
CA TYR D 113 -6.02 -31.03 5.64
C TYR D 113 -6.41 -31.32 7.06
N GLY D 114 -6.87 -32.55 7.27
CA GLY D 114 -7.24 -32.97 8.60
C GLY D 114 -5.96 -33.37 9.32
N THR D 115 -6.03 -33.49 10.63
CA THR D 115 -4.86 -33.85 11.42
C THR D 115 -4.29 -35.17 10.92
N ASP D 116 -5.16 -35.99 10.33
CA ASP D 116 -4.76 -37.29 9.79
C ASP D 116 -4.06 -37.18 8.44
N GLY D 117 -4.20 -36.04 7.76
CA GLY D 117 -3.56 -35.87 6.48
C GLY D 117 -4.49 -36.06 5.29
N CYS D 118 -5.76 -36.35 5.58
CA CYS D 118 -6.77 -36.55 4.55
C CYS D 118 -7.47 -35.21 4.30
N PRO D 119 -7.69 -34.87 3.02
CA PRO D 119 -8.34 -33.63 2.65
C PRO D 119 -9.84 -33.57 2.87
N VAL D 120 -10.33 -32.36 3.14
CA VAL D 120 -11.74 -32.07 3.33
C VAL D 120 -12.01 -30.85 2.45
N SER D 121 -12.67 -31.07 1.32
CA SER D 121 -12.97 -30.00 0.38
C SER D 121 -13.83 -28.89 0.95
N VAL D 122 -13.54 -27.65 0.54
CA VAL D 122 -14.30 -26.50 1.01
C VAL D 122 -15.74 -26.65 0.55
N GLU D 123 -15.90 -27.30 -0.60
CA GLU D 123 -17.19 -27.58 -1.21
C GLU D 123 -18.06 -28.29 -0.19
N LYS D 124 -17.51 -29.33 0.41
CA LYS D 124 -18.24 -30.12 1.41
C LYS D 124 -18.53 -29.31 2.67
N ILE D 125 -17.57 -28.47 3.06
CA ILE D 125 -17.73 -27.65 4.25
C ILE D 125 -18.88 -26.66 4.06
N VAL D 126 -18.82 -25.89 2.97
CA VAL D 126 -19.86 -24.92 2.70
C VAL D 126 -21.23 -25.60 2.59
N ASN D 127 -21.27 -26.71 1.86
CA ASN D 127 -22.51 -27.45 1.65
C ASN D 127 -23.18 -27.95 2.94
N ILE D 128 -22.36 -28.32 3.92
CA ILE D 128 -22.89 -28.82 5.18
C ILE D 128 -23.84 -27.82 5.85
N PHE D 129 -23.70 -26.54 5.53
CA PHE D 129 -24.58 -25.54 6.13
C PHE D 129 -25.67 -25.03 5.18
N ASN D 130 -26.10 -25.88 4.24
CA ASN D 130 -27.12 -25.48 3.28
C ASN D 130 -28.49 -25.36 3.90
N GLY D 131 -29.36 -24.61 3.21
CA GLY D 131 -30.71 -24.40 3.68
C GLY D 131 -31.42 -25.61 4.25
N THR D 132 -31.36 -26.73 3.53
CA THR D 132 -32.00 -27.97 3.97
C THR D 132 -31.37 -28.53 5.24
N SER D 133 -30.18 -29.10 5.11
CA SER D 133 -29.48 -29.67 6.24
C SER D 133 -29.53 -28.75 7.48
N CYS D 134 -29.75 -27.46 7.26
CA CYS D 134 -29.82 -26.50 8.36
C CYS D 134 -30.64 -25.27 8.01
N PRO D 135 -31.97 -25.38 8.09
CA PRO D 135 -32.82 -24.23 7.76
C PRO D 135 -32.67 -23.17 8.83
N SER D 136 -32.23 -23.59 10.01
CA SER D 136 -32.05 -22.68 11.13
C SER D 136 -31.26 -21.41 10.73
N LEU D 137 -30.34 -21.56 9.78
CA LEU D 137 -29.52 -20.44 9.32
C LEU D 137 -29.97 -19.94 7.95
N GLY D 138 -31.20 -20.23 7.58
CA GLY D 138 -31.72 -19.79 6.29
C GLY D 138 -31.76 -18.28 6.18
N GLY D 139 -31.30 -17.78 5.04
CA GLY D 139 -31.30 -16.35 4.79
C GLY D 139 -30.33 -15.57 5.65
N LYS D 140 -29.70 -16.26 6.60
CA LYS D 140 -28.74 -15.62 7.50
C LYS D 140 -27.29 -15.72 7.03
N PRO D 141 -26.46 -14.73 7.40
CA PRO D 141 -25.05 -14.75 6.98
C PRO D 141 -24.25 -15.87 7.63
N LYS D 142 -23.64 -16.67 6.76
CA LYS D 142 -22.80 -17.79 7.16
C LYS D 142 -21.36 -17.58 6.69
N LEU D 143 -20.48 -17.23 7.64
CA LEU D 143 -19.08 -16.93 7.37
C LEU D 143 -18.03 -18.05 7.53
N PHE D 144 -17.12 -18.17 6.56
CA PHE D 144 -16.07 -19.18 6.60
C PHE D 144 -14.68 -18.58 6.38
N PHE D 145 -13.87 -18.51 7.44
CA PHE D 145 -12.50 -17.98 7.33
C PHE D 145 -11.49 -19.11 7.37
N ILE D 146 -10.84 -19.37 6.25
CA ILE D 146 -9.84 -20.43 6.16
C ILE D 146 -8.43 -19.86 6.01
N GLN D 147 -7.50 -20.30 6.84
CA GLN D 147 -6.11 -19.86 6.78
C GLN D 147 -5.31 -21.13 6.62
N ALA D 148 -5.10 -21.55 5.38
CA ALA D 148 -4.37 -22.79 5.13
C ALA D 148 -3.22 -22.67 4.16
N SER D 149 -2.03 -22.35 4.68
CA SER D 149 -0.87 -22.24 3.83
C SER D 149 -0.71 -23.55 3.03
N GLY D 150 -0.29 -23.44 1.78
CA GLY D 150 -0.14 -24.60 0.94
C GLY D 150 -1.43 -24.92 0.20
N LEU D 197 -32.03 -29.34 -4.80
CA LEU D 197 -31.49 -28.16 -5.47
C LEU D 197 -31.28 -27.03 -4.44
N PRO D 198 -30.51 -27.29 -3.37
CA PRO D 198 -30.25 -26.30 -2.32
C PRO D 198 -29.41 -25.12 -2.81
N THR D 199 -30.05 -24.15 -3.46
CA THR D 199 -29.37 -22.96 -3.98
C THR D 199 -28.52 -22.26 -2.91
N PRO D 200 -27.18 -22.17 -3.12
CA PRO D 200 -26.21 -21.55 -2.22
C PRO D 200 -26.60 -20.10 -1.93
N SER D 201 -26.63 -19.73 -0.65
CA SER D 201 -27.06 -18.38 -0.31
C SER D 201 -26.51 -17.86 1.00
N ASP D 202 -26.17 -16.59 1.01
CA ASP D 202 -25.65 -15.95 2.21
C ASP D 202 -24.42 -16.65 2.77
N ILE D 203 -23.63 -17.21 1.86
CA ILE D 203 -22.38 -17.91 2.19
C ILE D 203 -21.24 -16.94 1.91
N PHE D 204 -20.21 -16.99 2.74
CA PHE D 204 -19.07 -16.12 2.52
C PHE D 204 -17.79 -16.88 2.92
N VAL D 205 -16.92 -17.09 1.95
CA VAL D 205 -15.68 -17.82 2.20
C VAL D 205 -14.44 -17.00 1.90
N SER D 206 -13.57 -16.90 2.89
CA SER D 206 -12.32 -16.18 2.75
C SER D 206 -11.25 -17.24 2.86
N TYR D 207 -10.58 -17.54 1.75
CA TYR D 207 -9.53 -18.55 1.77
C TYR D 207 -8.14 -17.92 1.63
N SER D 208 -7.40 -17.89 2.73
CA SER D 208 -6.05 -17.31 2.75
C SER D 208 -4.99 -18.40 2.71
N THR D 209 -3.86 -18.12 2.08
CA THR D 209 -2.79 -19.10 2.03
C THR D 209 -1.50 -18.31 2.16
N PHE D 210 -1.60 -17.16 2.80
CA PHE D 210 -0.46 -16.30 2.95
C PHE D 210 0.53 -16.81 4.00
N PRO D 211 1.68 -17.32 3.55
CA PRO D 211 2.68 -17.83 4.49
C PRO D 211 3.23 -16.56 5.08
N GLY D 212 4.12 -16.64 6.06
CA GLY D 212 4.65 -15.39 6.57
C GLY D 212 4.28 -15.17 8.01
N PHE D 213 5.29 -15.01 8.84
CA PHE D 213 5.05 -14.86 10.26
C PHE D 213 5.16 -13.43 10.75
N VAL D 214 4.63 -13.24 11.94
CA VAL D 214 4.60 -11.96 12.61
C VAL D 214 6.04 -11.46 12.74
N SER D 215 6.96 -12.41 12.88
CA SER D 215 8.39 -12.13 12.98
C SER D 215 9.02 -13.13 12.01
N TRP D 216 9.47 -12.63 10.86
CA TRP D 216 10.03 -13.51 9.85
C TRP D 216 11.14 -14.44 10.31
N ARG D 217 11.91 -14.01 11.30
CA ARG D 217 12.99 -14.85 11.81
C ARG D 217 12.47 -16.04 12.66
N ASP D 218 11.20 -15.99 13.04
CA ASP D 218 10.65 -17.05 13.88
C ASP D 218 9.34 -17.67 13.40
N PRO D 219 9.41 -18.88 12.81
CA PRO D 219 8.25 -19.62 12.30
C PRO D 219 7.20 -19.94 13.35
N LYS D 220 7.40 -19.45 14.56
CA LYS D 220 6.48 -19.71 15.66
C LYS D 220 5.89 -18.46 16.26
N SER D 221 6.16 -17.33 15.65
CA SER D 221 5.65 -16.05 16.14
C SER D 221 4.17 -15.84 15.79
N GLY D 222 3.66 -16.61 14.84
CA GLY D 222 2.27 -16.46 14.44
C GLY D 222 2.11 -16.01 12.99
N SER D 223 0.93 -16.24 12.43
CA SER D 223 0.65 -15.85 11.05
C SER D 223 0.51 -14.35 10.87
N TRP D 224 1.28 -13.79 9.93
CA TRP D 224 1.23 -12.36 9.64
C TRP D 224 -0.18 -12.01 9.17
N TYR D 225 -0.80 -12.92 8.44
CA TYR D 225 -2.16 -12.69 7.94
C TYR D 225 -3.11 -12.51 9.12
N VAL D 226 -3.16 -13.52 9.98
CA VAL D 226 -4.02 -13.48 11.15
C VAL D 226 -3.78 -12.19 11.96
N GLU D 227 -2.54 -11.96 12.32
CA GLU D 227 -2.11 -10.80 13.09
C GLU D 227 -2.66 -9.58 12.39
N THR D 228 -2.44 -9.50 11.10
CA THR D 228 -2.88 -8.37 10.31
C THR D 228 -4.41 -8.23 10.26
N LEU D 229 -5.11 -9.34 10.03
CA LEU D 229 -6.57 -9.28 9.99
C LEU D 229 -7.11 -8.85 11.34
N ASP D 230 -6.59 -9.45 12.40
CA ASP D 230 -7.04 -9.14 13.74
C ASP D 230 -6.88 -7.64 14.01
N ASP D 231 -5.70 -7.10 13.70
CA ASP D 231 -5.44 -5.67 13.91
C ASP D 231 -6.43 -4.83 13.12
N ILE D 232 -6.64 -5.18 11.85
CA ILE D 232 -7.58 -4.45 11.00
C ILE D 232 -8.96 -4.42 11.66
N PHE D 233 -9.39 -5.55 12.23
CA PHE D 233 -10.70 -5.62 12.89
C PHE D 233 -10.72 -4.74 14.14
N GLU D 234 -9.63 -4.75 14.88
CA GLU D 234 -9.55 -3.94 16.08
C GLU D 234 -9.69 -2.47 15.74
N GLN D 235 -9.36 -2.08 14.51
CA GLN D 235 -9.42 -0.68 14.13
C GLN D 235 -10.60 -0.21 13.32
N TRP D 236 -11.26 -1.12 12.61
CA TRP D 236 -12.36 -0.66 11.78
C TRP D 236 -13.68 -1.41 11.91
N ALA D 237 -13.67 -2.52 12.64
CA ALA D 237 -14.90 -3.30 12.80
C ALA D 237 -16.04 -2.41 13.29
N HIS D 238 -15.75 -1.51 14.21
CA HIS D 238 -16.74 -0.62 14.78
C HIS D 238 -17.36 0.35 13.78
N SER D 239 -16.97 0.27 12.52
CA SER D 239 -17.52 1.20 11.55
C SER D 239 -17.35 0.81 10.10
N GLU D 240 -16.91 -0.42 9.85
CA GLU D 240 -16.72 -0.89 8.48
C GLU D 240 -17.25 -2.30 8.36
N ASP D 241 -17.93 -2.59 7.26
CA ASP D 241 -18.51 -3.92 7.07
C ASP D 241 -17.46 -5.01 6.77
N LEU D 242 -17.90 -6.27 6.86
CA LEU D 242 -17.01 -7.39 6.63
C LEU D 242 -16.22 -7.24 5.35
N GLN D 243 -16.92 -7.01 4.24
CA GLN D 243 -16.26 -6.86 2.95
C GLN D 243 -15.24 -5.74 2.89
N SER D 244 -15.50 -4.65 3.60
CA SER D 244 -14.54 -3.55 3.61
C SER D 244 -13.32 -3.90 4.44
N LEU D 245 -13.55 -4.54 5.59
CA LEU D 245 -12.46 -4.94 6.47
C LEU D 245 -11.51 -5.84 5.71
N LEU D 246 -12.05 -6.86 5.05
CA LEU D 246 -11.20 -7.77 4.32
C LEU D 246 -10.44 -7.15 3.14
N LEU D 247 -10.99 -6.10 2.53
CA LEU D 247 -10.28 -5.43 1.42
C LEU D 247 -9.05 -4.75 2.02
N ARG D 248 -9.23 -4.14 3.19
CA ARG D 248 -8.11 -3.50 3.83
C ARG D 248 -7.04 -4.59 4.01
N VAL D 249 -7.49 -5.74 4.49
CA VAL D 249 -6.59 -6.86 4.73
C VAL D 249 -5.90 -7.30 3.45
N ALA D 250 -6.68 -7.45 2.39
CA ALA D 250 -6.15 -7.87 1.10
C ALA D 250 -5.04 -6.95 0.67
N ASN D 251 -5.26 -5.66 0.84
CA ASN D 251 -4.26 -4.71 0.42
C ASN D 251 -3.00 -4.81 1.24
N ALA D 252 -3.16 -4.99 2.54
CA ALA D 252 -2.01 -5.11 3.45
C ALA D 252 -1.15 -6.31 3.05
N VAL D 253 -1.81 -7.38 2.62
CA VAL D 253 -1.11 -8.59 2.22
C VAL D 253 -0.36 -8.37 0.93
N SER D 254 -1.04 -7.86 -0.09
CA SER D 254 -0.38 -7.62 -1.37
C SER D 254 0.83 -6.73 -1.20
N VAL D 255 0.72 -5.73 -0.33
CA VAL D 255 1.84 -4.83 -0.12
C VAL D 255 2.96 -5.55 0.63
N LYS D 256 2.59 -6.48 1.52
CA LYS D 256 3.58 -7.21 2.32
C LYS D 256 4.48 -8.09 1.50
N GLY D 257 3.88 -8.94 0.65
CA GLY D 257 4.67 -9.82 -0.19
C GLY D 257 4.19 -9.69 -1.62
N ILE D 258 5.07 -9.95 -2.59
CA ILE D 258 4.64 -9.84 -3.99
C ILE D 258 4.57 -11.20 -4.69
N TYR D 259 5.61 -12.01 -4.55
CA TYR D 259 5.60 -13.33 -5.18
C TYR D 259 4.67 -14.27 -4.42
N LYS D 260 3.62 -13.68 -3.84
CA LYS D 260 2.60 -14.41 -3.09
C LYS D 260 1.22 -14.03 -3.58
N GLN D 261 0.29 -14.97 -3.49
CA GLN D 261 -1.08 -14.74 -3.93
C GLN D 261 -1.75 -13.64 -3.11
N MET D 262 -2.95 -13.94 -2.62
CA MET D 262 -3.74 -13.01 -1.84
C MET D 262 -5.06 -13.72 -1.57
N PRO D 263 -5.64 -13.53 -0.38
CA PRO D 263 -6.90 -14.18 0.00
C PRO D 263 -8.00 -14.05 -1.04
N CYS D 264 -8.52 -15.20 -1.45
CA CYS D 264 -9.58 -15.21 -2.42
C CYS D 264 -10.92 -15.23 -1.67
N ILE D 265 -11.81 -14.32 -2.05
CA ILE D 265 -13.09 -14.24 -1.41
C ILE D 265 -14.13 -14.73 -2.41
N VAL D 266 -15.15 -15.40 -1.90
CA VAL D 266 -16.27 -15.93 -2.70
C VAL D 266 -17.50 -15.54 -1.89
N SER D 267 -18.36 -14.71 -2.45
CA SER D 267 -19.52 -14.25 -1.71
C SER D 267 -20.86 -14.50 -2.36
N MET D 268 -21.85 -14.77 -1.51
CA MET D 268 -23.23 -15.00 -1.94
C MET D 268 -24.04 -14.18 -0.96
N LEU D 269 -23.41 -13.17 -0.38
CA LEU D 269 -24.09 -12.32 0.58
C LEU D 269 -24.98 -11.35 -0.19
N ARG D 270 -26.09 -10.94 0.42
CA ARG D 270 -27.02 -10.02 -0.22
C ARG D 270 -26.93 -8.61 0.36
N LYS D 271 -26.31 -8.50 1.54
CA LYS D 271 -26.18 -7.22 2.20
C LYS D 271 -24.83 -7.09 2.86
N LYS D 272 -24.58 -5.91 3.42
CA LYS D 272 -23.33 -5.65 4.11
C LYS D 272 -23.47 -6.23 5.50
N LEU D 273 -22.35 -6.50 6.16
CA LEU D 273 -22.41 -7.09 7.48
C LEU D 273 -21.54 -6.30 8.41
N PHE D 274 -22.16 -5.57 9.34
CA PHE D 274 -21.43 -4.79 10.32
C PHE D 274 -21.44 -5.64 11.58
N PHE D 275 -20.29 -6.14 11.98
CA PHE D 275 -20.21 -6.98 13.18
C PHE D 275 -20.58 -6.22 14.43
N LYS D 276 -21.03 -6.96 15.44
CA LYS D 276 -21.40 -6.40 16.73
C LYS D 276 -20.08 -6.17 17.42
N THR D 277 -19.85 -4.97 17.95
CA THR D 277 -18.60 -4.68 18.64
C THR D 277 -18.86 -3.88 19.90
N SER D 278 -18.63 -4.49 21.06
CA SER D 278 -18.85 -3.79 22.32
C SER D 278 -17.54 -3.45 23.02
C1 MLT E . 31.42 33.32 -6.94
O1 MLT E . 32.20 33.35 -7.90
O2 MLT E . 30.84 32.26 -6.55
C2 MLT E . 30.92 34.67 -6.40
O3 MLT E . 29.92 35.05 -7.52
C3 MLT E . 30.10 34.67 -5.09
C4 MLT E . 28.80 33.88 -4.95
O4 MLT E . 28.18 33.99 -3.80
O5 MLT E . 28.35 33.17 -5.93
#